data_3K8D
#
_entry.id   3K8D
#
_cell.length_a   94.770
_cell.length_b   94.770
_cell.length_c   153.140
_cell.angle_alpha   90.00
_cell.angle_beta   90.00
_cell.angle_gamma   120.00
#
_symmetry.space_group_name_H-M   'P 31'
#
loop_
_entity.id
_entity.type
_entity.pdbx_description
1 polymer '3-deoxy-manno-octulosonate cytidylyltransferase'
2 non-polymer 'MAGNESIUM ION'
3 non-polymer '3-deoxy-alpha-D-manno-oct-2-ulopyranosonic acid'
4 non-polymer "CYTIDINE-5'-TRIPHOSPHATE"
5 water water
#
_entity_poly.entity_id   1
_entity_poly.type   'polypeptide(L)'
_entity_poly.pdbx_seq_one_letter_code
;HHHHHHSSGLVPRGSHMSFVVIIPARYASTRLPGKPLVDINGKPMIVHVLERARESGAERIIVATDHEDVARAVEAAGGE
VCMTRADHQSGTERLAEVVEKCAFSDDTVIVNVQGDEPMIPATIIRQVADNLAQRQVGMATLAVPIHNAEEAFNPNAVKV
VLDAEGYALYFSRATIPWDRDRFAEGLETVGDNFLRHLGIYGYRAGFIRRYVNWQPSPLEHIEMLEQLRVLWYGEKIHVA
VAQEVPGTGVDTPEDLERVRAEMR
;
_entity_poly.pdbx_strand_id   A,B,C,D
#
loop_
_chem_comp.id
_chem_comp.type
_chem_comp.name
_chem_comp.formula
CTP non-polymer CYTIDINE-5'-TRIPHOSPHATE 'C9 H16 N3 O14 P3'
KDO D-saccharide, alpha linking '3-deoxy-alpha-D-manno-oct-2-ulopyranosonic acid' 'C8 H14 O8'
MG non-polymer 'MAGNESIUM ION' 'Mg 2'
#
# COMPACT_ATOMS: atom_id res chain seq x y z
N SER A 18 19.54 -32.29 -3.37
CA SER A 18 18.58 -31.29 -3.81
C SER A 18 19.07 -30.43 -4.99
N PHE A 19 20.35 -30.52 -5.34
CA PHE A 19 20.81 -29.88 -6.58
C PHE A 19 22.00 -30.60 -7.21
N VAL A 20 22.20 -30.39 -8.49
CA VAL A 20 23.30 -31.03 -9.23
C VAL A 20 24.29 -29.95 -9.62
N VAL A 21 25.59 -30.21 -9.47
CA VAL A 21 26.60 -29.27 -9.97
C VAL A 21 27.20 -29.84 -11.26
N ILE A 22 27.28 -29.01 -12.29
CA ILE A 22 27.97 -29.38 -13.52
C ILE A 22 29.04 -28.33 -13.76
N ILE A 23 30.27 -28.77 -13.96
CA ILE A 23 31.41 -27.86 -14.14
C ILE A 23 31.87 -27.95 -15.58
N PRO A 24 31.68 -26.87 -16.36
CA PRO A 24 32.13 -26.90 -17.76
C PRO A 24 33.62 -26.58 -17.80
N ALA A 25 34.38 -27.37 -18.54
CA ALA A 25 35.83 -27.18 -18.54
C ALA A 25 36.43 -27.61 -19.87
N ARG A 26 36.32 -26.76 -20.88
CA ARG A 26 36.97 -27.05 -22.15
C ARG A 26 38.47 -26.78 -22.03
N TYR A 27 39.26 -27.42 -22.88
CA TYR A 27 40.71 -27.31 -22.76
C TYR A 27 41.24 -25.99 -23.35
N ALA A 28 40.79 -25.65 -24.56
CA ALA A 28 41.41 -24.56 -25.32
C ALA A 28 40.92 -23.15 -24.96
N SER A 29 41.13 -22.74 -23.73
CA SER A 29 40.91 -21.34 -23.36
C SER A 29 41.94 -20.47 -24.07
N THR A 30 41.54 -19.26 -24.46
CA THR A 30 42.42 -18.37 -25.24
C THR A 30 43.28 -17.45 -24.36
N ARG A 31 42.72 -16.95 -23.28
CA ARG A 31 43.48 -16.04 -22.39
C ARG A 31 44.45 -16.82 -21.50
N LEU A 32 44.20 -18.11 -21.33
CA LEU A 32 45.09 -18.97 -20.56
C LEU A 32 44.95 -20.40 -21.05
N PRO A 33 45.64 -20.76 -22.14
CA PRO A 33 45.45 -22.07 -22.77
C PRO A 33 45.60 -23.27 -21.83
N GLY A 34 44.78 -24.28 -22.06
CA GLY A 34 44.78 -25.49 -21.27
C GLY A 34 44.52 -25.30 -19.78
N LYS A 35 43.78 -24.25 -19.42
CA LYS A 35 43.68 -23.88 -18.00
C LYS A 35 43.08 -24.90 -17.02
N PRO A 36 42.17 -25.80 -17.47
CA PRO A 36 41.67 -26.77 -16.49
C PRO A 36 42.79 -27.59 -15.86
N LEU A 37 43.91 -27.76 -16.59
CA LEU A 37 44.99 -28.61 -16.12
C LEU A 37 46.19 -27.88 -15.52
N VAL A 38 46.14 -26.55 -15.42
CA VAL A 38 47.26 -25.83 -14.82
C VAL A 38 47.38 -26.20 -13.35
N ASP A 39 48.61 -26.42 -12.91
CA ASP A 39 48.85 -26.85 -11.54
C ASP A 39 48.61 -25.74 -10.55
N ILE A 40 47.87 -26.04 -9.50
CA ILE A 40 47.79 -25.15 -8.34
C ILE A 40 48.15 -25.94 -7.09
N ASN A 41 49.37 -25.71 -6.60
CA ASN A 41 49.84 -26.41 -5.41
C ASN A 41 49.64 -27.93 -5.46
N GLY A 42 49.99 -28.54 -6.58
CA GLY A 42 50.00 -29.99 -6.69
C GLY A 42 48.78 -30.64 -7.29
N LYS A 43 47.73 -29.87 -7.55
CA LYS A 43 46.52 -30.39 -8.19
C LYS A 43 46.10 -29.47 -9.33
N PRO A 44 45.56 -30.05 -10.41
CA PRO A 44 45.07 -29.22 -11.51
C PRO A 44 43.86 -28.39 -11.08
N MET A 45 43.73 -27.20 -11.64
CA MET A 45 42.63 -26.29 -11.29
C MET A 45 41.27 -26.99 -11.28
N ILE A 46 41.00 -27.80 -12.30
CA ILE A 46 39.70 -28.45 -12.39
C ILE A 46 39.41 -29.31 -11.16
N VAL A 47 40.43 -29.91 -10.57
CA VAL A 47 40.23 -30.74 -9.37
C VAL A 47 39.90 -29.89 -8.14
N HIS A 48 40.50 -28.70 -8.04
CA HIS A 48 40.12 -27.76 -6.98
C HIS A 48 38.64 -27.37 -7.09
N VAL A 49 38.18 -27.05 -8.29
CA VAL A 49 36.75 -26.70 -8.47
C VAL A 49 35.85 -27.90 -8.07
N LEU A 50 36.26 -29.10 -8.50
CA LEU A 50 35.57 -30.32 -8.11
C LEU A 50 35.42 -30.39 -6.58
N GLU A 51 36.47 -30.02 -5.85
CA GLU A 51 36.42 -30.05 -4.39
C GLU A 51 35.45 -29.03 -3.81
N ARG A 52 35.42 -27.83 -4.38
CA ARG A 52 34.44 -26.84 -3.93
C ARG A 52 33.03 -27.41 -4.10
N ALA A 53 32.78 -28.06 -5.23
CA ALA A 53 31.46 -28.64 -5.50
C ALA A 53 31.10 -29.73 -4.51
N ARG A 54 32.06 -30.61 -4.21
CA ARG A 54 31.83 -31.63 -3.20
C ARG A 54 31.46 -31.01 -1.85
N GLU A 55 32.19 -29.97 -1.47
CA GLU A 55 31.96 -29.30 -0.20
C GLU A 55 30.58 -28.66 -0.09
N SER A 56 29.96 -28.37 -1.23
CA SER A 56 28.64 -27.73 -1.25
C SER A 56 27.50 -28.67 -0.86
N GLY A 57 27.75 -29.97 -0.90
CA GLY A 57 26.71 -30.95 -0.59
C GLY A 57 25.81 -31.31 -1.77
N ALA A 58 26.20 -30.89 -2.97
CA ALA A 58 25.49 -31.28 -4.19
C ALA A 58 25.26 -32.80 -4.24
N GLU A 59 24.10 -33.22 -4.73
CA GLU A 59 23.74 -34.64 -4.79
C GLU A 59 24.49 -35.37 -5.89
N ARG A 60 24.91 -34.62 -6.90
CA ARG A 60 25.61 -35.19 -8.03
C ARG A 60 26.49 -34.10 -8.59
N ILE A 61 27.70 -34.46 -9.01
CA ILE A 61 28.67 -33.51 -9.53
C ILE A 61 29.28 -34.09 -10.79
N ILE A 62 29.22 -33.34 -11.89
CA ILE A 62 29.73 -33.81 -13.17
C ILE A 62 30.64 -32.76 -13.78
N VAL A 63 31.82 -33.18 -14.25
CA VAL A 63 32.65 -32.28 -15.04
C VAL A 63 32.37 -32.53 -16.53
N ALA A 64 32.02 -31.46 -17.25
CA ALA A 64 31.76 -31.53 -18.68
C ALA A 64 32.99 -31.06 -19.40
N THR A 65 33.58 -31.89 -20.26
CA THR A 65 34.79 -31.48 -20.95
C THR A 65 34.85 -32.01 -22.38
N ASP A 66 35.80 -31.51 -23.16
CA ASP A 66 35.93 -31.91 -24.55
C ASP A 66 37.28 -32.56 -24.81
N HIS A 67 38.05 -32.78 -23.74
CA HIS A 67 39.45 -33.19 -23.87
C HIS A 67 39.79 -34.38 -22.97
N GLU A 68 40.38 -35.41 -23.55
CA GLU A 68 40.66 -36.64 -22.79
C GLU A 68 41.59 -36.43 -21.60
N ASP A 69 42.57 -35.53 -21.72
CA ASP A 69 43.47 -35.29 -20.59
C ASP A 69 42.75 -34.64 -19.40
N VAL A 70 41.76 -33.81 -19.68
CA VAL A 70 40.94 -33.26 -18.60
C VAL A 70 40.11 -34.38 -17.98
N ALA A 71 39.46 -35.19 -18.82
CA ALA A 71 38.70 -36.33 -18.34
C ALA A 71 39.53 -37.24 -17.41
N ARG A 72 40.74 -37.60 -17.84
CA ARG A 72 41.58 -38.49 -17.03
C ARG A 72 41.91 -37.90 -15.66
N ALA A 73 42.19 -36.60 -15.63
CA ALA A 73 42.51 -35.92 -14.37
C ALA A 73 41.33 -35.98 -13.40
N VAL A 74 40.13 -35.75 -13.92
CA VAL A 74 38.94 -35.75 -13.06
C VAL A 74 38.62 -37.16 -12.59
N GLU A 75 38.72 -38.13 -13.49
CA GLU A 75 38.47 -39.53 -13.15
C GLU A 75 39.44 -40.02 -12.08
N ALA A 76 40.69 -39.57 -12.17
CA ALA A 76 41.71 -39.96 -11.21
C ALA A 76 41.46 -39.36 -9.83
N ALA A 77 40.74 -38.24 -9.80
CA ALA A 77 40.33 -37.63 -8.55
C ALA A 77 38.97 -38.17 -8.11
N GLY A 78 38.42 -39.10 -8.88
CA GLY A 78 37.20 -39.78 -8.49
C GLY A 78 35.91 -39.04 -8.85
N GLY A 79 36.00 -38.08 -9.76
CA GLY A 79 34.82 -37.33 -10.17
C GLY A 79 34.19 -37.93 -11.42
N GLU A 80 32.89 -37.73 -11.58
CA GLU A 80 32.18 -38.17 -12.77
C GLU A 80 32.46 -37.21 -13.93
N VAL A 81 32.62 -37.74 -15.14
CA VAL A 81 32.91 -36.93 -16.31
C VAL A 81 31.91 -37.19 -17.43
N CYS A 82 31.53 -36.13 -18.14
CA CYS A 82 30.74 -36.29 -19.35
C CYS A 82 31.50 -35.65 -20.52
N MET A 83 31.86 -36.44 -21.52
CA MET A 83 32.51 -35.90 -22.72
C MET A 83 31.45 -35.16 -23.52
N THR A 84 31.84 -34.03 -24.12
CA THR A 84 30.89 -33.19 -24.83
C THR A 84 31.51 -32.64 -26.11
N ARG A 85 30.69 -32.08 -26.99
CA ARG A 85 31.15 -31.61 -28.29
C ARG A 85 32.17 -30.49 -28.21
N ALA A 86 33.13 -30.52 -29.12
CA ALA A 86 34.14 -29.47 -29.19
C ALA A 86 33.56 -28.14 -29.65
N ASP A 87 32.42 -28.16 -30.34
CA ASP A 87 31.92 -26.91 -30.93
C ASP A 87 30.97 -26.07 -30.05
N HIS A 88 30.75 -26.47 -28.80
CA HIS A 88 30.00 -25.61 -27.88
C HIS A 88 30.73 -24.28 -27.71
N GLN A 89 29.98 -23.18 -27.63
CA GLN A 89 30.57 -21.84 -27.56
C GLN A 89 30.57 -21.22 -26.15
N SER A 90 29.98 -21.92 -25.18
CA SER A 90 30.02 -21.46 -23.80
C SER A 90 29.77 -22.62 -22.85
N GLY A 91 30.08 -22.41 -21.57
CA GLY A 91 29.79 -23.41 -20.55
C GLY A 91 28.31 -23.78 -20.49
N THR A 92 27.43 -22.79 -20.63
CA THR A 92 26.00 -23.06 -20.56
C THR A 92 25.54 -23.94 -21.72
N GLU A 93 26.07 -23.67 -22.93
CA GLU A 93 25.77 -24.52 -24.07
C GLU A 93 26.25 -25.94 -23.81
N ARG A 94 27.44 -26.08 -23.24
CA ARG A 94 28.00 -27.40 -22.93
C ARG A 94 27.13 -28.13 -21.89
N LEU A 95 26.67 -27.39 -20.88
CA LEU A 95 25.77 -27.97 -19.88
C LEU A 95 24.53 -28.60 -20.50
N ALA A 96 23.97 -27.96 -21.52
CA ALA A 96 22.74 -28.50 -22.13
C ALA A 96 22.97 -29.91 -22.67
N GLU A 97 24.15 -30.17 -23.22
CA GLU A 97 24.43 -31.54 -23.68
C GLU A 97 24.43 -32.53 -22.52
N VAL A 98 25.02 -32.14 -21.38
CA VAL A 98 25.02 -33.02 -20.20
C VAL A 98 23.60 -33.25 -19.70
N VAL A 99 22.81 -32.17 -19.67
CA VAL A 99 21.42 -32.23 -19.24
C VAL A 99 20.60 -33.20 -20.10
N GLU A 100 20.84 -33.19 -21.40
CA GLU A 100 20.13 -34.08 -22.32
C GLU A 100 20.55 -35.53 -22.10
N LYS A 101 21.85 -35.75 -21.97
CA LYS A 101 22.40 -37.09 -21.76
C LYS A 101 21.94 -37.72 -20.43
N CYS A 102 21.91 -36.93 -19.37
CA CYS A 102 21.48 -37.44 -18.06
C CYS A 102 19.97 -37.47 -17.92
N ALA A 103 19.28 -36.81 -18.85
CA ALA A 103 17.82 -36.79 -18.86
C ALA A 103 17.19 -36.25 -17.58
N PHE A 104 17.75 -35.19 -17.02
CA PHE A 104 17.20 -34.58 -15.81
C PHE A 104 15.75 -34.11 -16.02
N SER A 105 14.93 -34.20 -14.98
CA SER A 105 13.58 -33.62 -15.03
C SER A 105 13.70 -32.12 -15.22
N ASP A 106 12.68 -31.50 -15.81
CA ASP A 106 12.71 -30.05 -16.05
C ASP A 106 12.91 -29.23 -14.78
N ASP A 107 12.34 -29.69 -13.66
CA ASP A 107 12.41 -28.94 -12.39
C ASP A 107 13.68 -29.19 -11.57
N THR A 108 14.58 -30.05 -12.07
CA THR A 108 15.84 -30.30 -11.37
C THR A 108 16.74 -29.09 -11.37
N VAL A 109 17.25 -28.73 -10.19
CA VAL A 109 18.07 -27.54 -10.04
C VAL A 109 19.52 -27.86 -10.41
N ILE A 110 20.07 -27.13 -11.37
CA ILE A 110 21.45 -27.30 -11.81
C ILE A 110 22.24 -26.06 -11.40
N VAL A 111 23.44 -26.25 -10.84
CA VAL A 111 24.34 -25.11 -10.62
C VAL A 111 25.56 -25.30 -11.50
N ASN A 112 25.77 -24.34 -12.39
CA ASN A 112 26.99 -24.23 -13.18
C ASN A 112 28.04 -23.56 -12.31
N VAL A 113 29.00 -24.33 -11.82
CA VAL A 113 30.17 -23.73 -11.18
C VAL A 113 31.30 -23.72 -12.21
N GLN A 114 31.68 -22.54 -12.69
CA GLN A 114 32.63 -22.51 -13.81
C GLN A 114 33.98 -23.09 -13.43
N GLY A 115 34.63 -23.73 -14.38
CA GLY A 115 35.92 -24.37 -14.15
C GLY A 115 37.01 -23.37 -13.81
N ASP A 116 36.71 -22.08 -13.93
CA ASP A 116 37.69 -21.04 -13.60
C ASP A 116 37.49 -20.45 -12.19
N GLU A 117 36.74 -21.15 -11.33
CA GLU A 117 36.49 -20.63 -9.98
C GLU A 117 36.96 -21.58 -8.88
N PRO A 118 38.27 -21.86 -8.82
CA PRO A 118 38.78 -22.81 -7.81
C PRO A 118 38.61 -22.35 -6.35
N MET A 119 38.38 -21.06 -6.11
CA MET A 119 38.26 -20.57 -4.73
C MET A 119 36.84 -20.21 -4.30
N ILE A 120 35.85 -20.51 -5.13
CA ILE A 120 34.48 -20.18 -4.78
C ILE A 120 34.04 -21.03 -3.59
N PRO A 121 33.57 -20.38 -2.50
CA PRO A 121 33.23 -21.16 -1.30
C PRO A 121 32.00 -22.05 -1.47
N ALA A 122 31.97 -23.19 -0.79
CA ALA A 122 30.80 -24.05 -0.81
C ALA A 122 29.51 -23.33 -0.40
N THR A 123 29.61 -22.41 0.56
CA THR A 123 28.42 -21.68 1.01
C THR A 123 27.79 -20.86 -0.10
N ILE A 124 28.62 -20.29 -0.97
CA ILE A 124 28.14 -19.52 -2.11
C ILE A 124 27.43 -20.44 -3.12
N ILE A 125 27.99 -21.63 -3.34
CA ILE A 125 27.34 -22.60 -4.22
C ILE A 125 25.94 -22.93 -3.69
N ARG A 126 25.83 -23.23 -2.40
CA ARG A 126 24.52 -23.53 -1.80
CA ARG A 126 24.52 -23.52 -1.80
C ARG A 126 23.57 -22.34 -1.91
N GLN A 127 24.10 -21.14 -1.68
CA GLN A 127 23.27 -19.94 -1.68
CA GLN A 127 23.27 -19.93 -1.69
C GLN A 127 22.61 -19.73 -3.05
N VAL A 128 23.36 -19.98 -4.11
CA VAL A 128 22.83 -19.76 -5.46
C VAL A 128 21.71 -20.77 -5.74
N ALA A 129 21.95 -22.03 -5.37
CA ALA A 129 20.91 -23.05 -5.54
C ALA A 129 19.63 -22.68 -4.77
N ASP A 130 19.80 -22.25 -3.51
CA ASP A 130 18.65 -21.91 -2.67
C ASP A 130 17.90 -20.69 -3.21
N ASN A 131 18.65 -19.68 -3.61
CA ASN A 131 18.05 -18.46 -4.17
C ASN A 131 17.20 -18.76 -5.38
N LEU A 132 17.72 -19.63 -6.26
CA LEU A 132 17.00 -20.02 -7.46
C LEU A 132 15.70 -20.73 -7.08
N ALA A 133 15.79 -21.68 -6.16
CA ALA A 133 14.64 -22.50 -5.81
C ALA A 133 13.57 -21.70 -5.10
N GLN A 134 13.97 -20.62 -4.44
CA GLN A 134 13.04 -19.79 -3.69
C GLN A 134 12.35 -18.71 -4.51
N ARG A 135 12.77 -18.55 -5.76
CA ARG A 135 12.19 -17.49 -6.61
C ARG A 135 11.57 -18.09 -7.87
N GLN A 136 10.70 -17.32 -8.50
CA GLN A 136 10.09 -17.75 -9.75
C GLN A 136 10.89 -17.22 -10.93
N VAL A 137 12.17 -16.93 -10.67
CA VAL A 137 13.07 -16.46 -11.70
C VAL A 137 13.73 -17.66 -12.37
N GLY A 138 14.07 -17.52 -13.64
CA GLY A 138 14.64 -18.62 -14.39
C GLY A 138 16.11 -18.87 -14.13
N MET A 139 16.81 -17.84 -13.67
CA MET A 139 18.26 -17.94 -13.48
C MET A 139 18.74 -17.05 -12.33
N ALA A 140 19.65 -17.57 -11.52
CA ALA A 140 20.15 -16.85 -10.35
C ALA A 140 21.66 -16.84 -10.40
N THR A 141 22.27 -15.79 -9.86
CA THR A 141 23.72 -15.73 -9.79
C THR A 141 24.11 -14.86 -8.61
N LEU A 142 25.40 -14.56 -8.50
CA LEU A 142 25.90 -13.84 -7.34
C LEU A 142 27.05 -12.89 -7.71
N ALA A 143 27.17 -11.78 -6.98
CA ALA A 143 28.24 -10.81 -7.21
C ALA A 143 28.81 -10.36 -5.87
N VAL A 144 30.00 -9.76 -5.92
CA VAL A 144 30.66 -9.27 -4.72
C VAL A 144 31.20 -7.85 -4.96
N PRO A 145 31.24 -7.02 -3.91
CA PRO A 145 31.72 -5.65 -4.08
C PRO A 145 33.16 -5.59 -4.58
N ILE A 146 33.45 -4.58 -5.40
CA ILE A 146 34.80 -4.30 -5.86
C ILE A 146 35.32 -3.16 -5.00
N HIS A 147 36.51 -3.30 -4.45
CA HIS A 147 37.03 -2.27 -3.55
C HIS A 147 38.28 -1.56 -4.07
N ASN A 148 38.76 -1.95 -5.24
CA ASN A 148 39.89 -1.23 -5.83
C ASN A 148 39.70 -0.90 -7.31
N ALA A 149 40.24 0.25 -7.70
CA ALA A 149 40.02 0.81 -9.02
C ALA A 149 40.60 -0.04 -10.14
N GLU A 150 41.72 -0.71 -9.88
CA GLU A 150 42.32 -1.54 -10.90
C GLU A 150 41.32 -2.59 -11.42
N GLU A 151 40.61 -3.22 -10.49
CA GLU A 151 39.64 -4.26 -10.85
C GLU A 151 38.40 -3.66 -11.52
N ALA A 152 37.97 -2.50 -11.04
CA ALA A 152 36.84 -1.80 -11.67
C ALA A 152 37.11 -1.47 -13.13
N PHE A 153 38.37 -1.25 -13.49
CA PHE A 153 38.72 -0.89 -14.87
C PHE A 153 39.34 -2.05 -15.66
N ASN A 154 39.31 -3.25 -15.10
CA ASN A 154 39.82 -4.44 -15.77
C ASN A 154 38.72 -5.21 -16.53
N PRO A 155 38.81 -5.27 -17.86
CA PRO A 155 37.75 -5.90 -18.65
C PRO A 155 37.66 -7.41 -18.43
N ASN A 156 38.63 -8.02 -17.76
CA ASN A 156 38.49 -9.43 -17.38
C ASN A 156 37.67 -9.61 -16.11
N ALA A 157 37.44 -8.53 -15.38
CA ALA A 157 36.50 -8.59 -14.27
C ALA A 157 35.15 -8.09 -14.76
N VAL A 158 34.16 -8.96 -14.76
CA VAL A 158 32.86 -8.59 -15.30
C VAL A 158 32.08 -7.80 -14.26
N LYS A 159 31.62 -6.60 -14.63
CA LYS A 159 30.81 -5.80 -13.71
C LYS A 159 29.32 -6.04 -13.97
N VAL A 160 28.50 -5.84 -12.94
CA VAL A 160 27.06 -5.99 -13.12
C VAL A 160 26.36 -4.85 -12.41
N VAL A 161 25.29 -4.33 -13.04
CA VAL A 161 24.47 -3.28 -12.46
CA VAL A 161 24.47 -3.28 -12.45
C VAL A 161 23.07 -3.83 -12.20
N LEU A 162 22.55 -3.58 -11.00
CA LEU A 162 21.28 -4.17 -10.57
C LEU A 162 20.13 -3.16 -10.50
N ASP A 163 18.90 -3.66 -10.58
CA ASP A 163 17.75 -2.81 -10.30
C ASP A 163 17.40 -2.88 -8.82
N ALA A 164 16.32 -2.21 -8.42
CA ALA A 164 15.97 -2.10 -7.00
C ALA A 164 15.66 -3.45 -6.34
N GLU A 165 15.18 -4.40 -7.14
CA GLU A 165 14.82 -5.73 -6.64
C GLU A 165 15.97 -6.75 -6.73
N GLY A 166 17.13 -6.30 -7.19
CA GLY A 166 18.28 -7.18 -7.33
C GLY A 166 18.39 -7.93 -8.66
N TYR A 167 17.52 -7.66 -9.63
CA TYR A 167 17.68 -8.29 -10.95
C TYR A 167 18.75 -7.53 -11.73
N ALA A 168 19.48 -8.23 -12.58
CA ALA A 168 20.51 -7.57 -13.40
C ALA A 168 19.86 -6.68 -14.48
N LEU A 169 20.31 -5.44 -14.56
CA LEU A 169 19.99 -4.62 -15.72
C LEU A 169 20.93 -4.98 -16.88
N TYR A 170 22.21 -5.15 -16.57
CA TYR A 170 23.22 -5.42 -17.60
C TYR A 170 24.50 -5.97 -16.95
N PHE A 171 25.24 -6.80 -17.69
CA PHE A 171 26.58 -7.26 -17.26
C PHE A 171 27.50 -6.73 -18.34
N SER A 172 28.69 -6.26 -17.97
CA SER A 172 29.61 -5.75 -18.98
C SER A 172 31.07 -5.87 -18.55
N ARG A 173 31.96 -5.93 -19.54
CA ARG A 173 33.38 -5.80 -19.27
C ARG A 173 33.77 -4.33 -19.13
N ALA A 174 32.86 -3.42 -19.48
CA ALA A 174 33.11 -1.99 -19.28
C ALA A 174 32.85 -1.63 -17.83
N THR A 175 33.32 -0.45 -17.43
CA THR A 175 33.22 -0.02 -16.05
C THR A 175 31.85 0.59 -15.78
N ILE A 176 30.90 -0.24 -15.36
CA ILE A 176 29.54 0.22 -15.06
C ILE A 176 29.20 -0.08 -13.60
N PRO A 177 28.40 0.79 -12.96
CA PRO A 177 27.89 2.07 -13.48
C PRO A 177 29.03 3.09 -13.56
N TRP A 178 29.04 3.90 -14.61
CA TRP A 178 30.06 4.92 -14.79
C TRP A 178 29.79 6.08 -13.82
N ASP A 179 30.81 6.46 -13.06
CA ASP A 179 30.67 7.58 -12.11
C ASP A 179 31.07 8.88 -12.83
N ARG A 180 30.09 9.61 -13.34
CA ARG A 180 30.40 10.74 -14.22
C ARG A 180 31.36 11.74 -13.57
N ASP A 181 30.97 12.26 -12.40
CA ASP A 181 31.72 13.34 -11.78
C ASP A 181 33.09 12.92 -11.28
N ARG A 182 33.17 11.73 -10.68
CA ARG A 182 34.45 11.24 -10.18
C ARG A 182 35.43 10.96 -11.30
N PHE A 183 34.97 10.31 -12.35
CA PHE A 183 35.84 9.89 -13.44
C PHE A 183 36.19 11.02 -14.40
N ALA A 184 35.43 12.12 -14.34
CA ALA A 184 35.80 13.30 -15.12
C ALA A 184 37.08 13.89 -14.52
N GLU A 185 37.24 13.74 -13.20
CA GLU A 185 38.44 14.19 -12.51
C GLU A 185 39.63 13.29 -12.82
N GLY A 186 39.46 12.00 -12.59
CA GLY A 186 40.53 11.03 -12.81
C GLY A 186 40.05 9.62 -12.59
N LEU A 187 40.86 8.64 -12.97
CA LEU A 187 40.46 7.24 -12.94
C LEU A 187 41.12 6.42 -11.83
N GLU A 188 41.69 7.07 -10.82
CA GLU A 188 42.49 6.33 -9.83
C GLU A 188 41.76 5.87 -8.58
N THR A 189 40.51 6.30 -8.42
CA THR A 189 39.72 5.87 -7.27
C THR A 189 38.29 5.50 -7.68
N VAL A 190 37.66 4.65 -6.88
CA VAL A 190 36.25 4.32 -7.09
C VAL A 190 35.51 4.38 -5.77
N GLY A 191 34.23 4.73 -5.84
CA GLY A 191 33.38 4.69 -4.67
C GLY A 191 33.01 3.26 -4.30
N ASP A 192 31.96 3.12 -3.51
CA ASP A 192 31.55 1.81 -3.01
C ASP A 192 30.30 1.32 -3.70
N ASN A 193 30.32 1.27 -5.02
CA ASN A 193 29.14 0.88 -5.78
C ASN A 193 29.41 -0.02 -7.01
N PHE A 194 30.60 -0.61 -7.09
CA PHE A 194 30.87 -1.57 -8.15
C PHE A 194 30.69 -3.00 -7.66
N LEU A 195 30.20 -3.87 -8.53
CA LEU A 195 30.00 -5.29 -8.20
C LEU A 195 30.70 -6.16 -9.23
N ARG A 196 31.49 -7.13 -8.77
CA ARG A 196 32.13 -8.11 -9.66
C ARG A 196 31.27 -9.38 -9.71
N HIS A 197 30.91 -9.79 -10.92
CA HIS A 197 30.09 -10.98 -11.10
C HIS A 197 30.92 -12.25 -10.94
N LEU A 198 30.45 -13.18 -10.13
CA LEU A 198 31.12 -14.48 -9.95
C LEU A 198 30.70 -15.50 -11.02
N GLY A 199 31.62 -16.40 -11.40
CA GLY A 199 31.34 -17.40 -12.44
C GLY A 199 30.50 -18.57 -11.95
N ILE A 200 29.26 -18.31 -11.57
CA ILE A 200 28.37 -19.35 -11.10
C ILE A 200 26.93 -19.03 -11.50
N TYR A 201 26.21 -20.03 -11.99
CA TYR A 201 24.79 -19.82 -12.35
C TYR A 201 23.91 -20.93 -11.80
N GLY A 202 22.74 -20.57 -11.29
CA GLY A 202 21.73 -21.57 -10.93
C GLY A 202 20.61 -21.48 -11.94
N TYR A 203 20.19 -22.62 -12.48
CA TYR A 203 19.04 -22.66 -13.37
C TYR A 203 18.47 -24.07 -13.39
N ARG A 204 17.17 -24.18 -13.59
CA ARG A 204 16.56 -25.50 -13.68
C ARG A 204 16.88 -26.11 -15.03
N ALA A 205 16.87 -27.44 -15.11
CA ALA A 205 17.23 -28.13 -16.36
C ALA A 205 16.36 -27.63 -17.52
N GLY A 206 15.09 -27.35 -17.24
CA GLY A 206 14.19 -26.91 -18.31
C GLY A 206 14.59 -25.55 -18.86
N PHE A 207 15.12 -24.70 -18.00
CA PHE A 207 15.62 -23.39 -18.46
C PHE A 207 16.86 -23.54 -19.33
N ILE A 208 17.76 -24.45 -18.94
CA ILE A 208 18.95 -24.70 -19.76
C ILE A 208 18.53 -25.16 -21.17
N ARG A 209 17.52 -26.02 -21.24
CA ARG A 209 16.95 -26.44 -22.53
CA ARG A 209 16.99 -26.45 -22.54
C ARG A 209 16.45 -25.25 -23.34
N ARG A 210 15.70 -24.37 -22.68
CA ARG A 210 15.17 -23.19 -23.35
C ARG A 210 16.32 -22.30 -23.83
N TYR A 211 17.35 -22.17 -23.01
CA TYR A 211 18.50 -21.33 -23.36
C TYR A 211 19.14 -21.75 -24.69
N VAL A 212 19.40 -23.03 -24.90
CA VAL A 212 20.07 -23.46 -26.13
C VAL A 212 19.12 -23.54 -27.32
N ASN A 213 17.82 -23.48 -27.04
CA ASN A 213 16.87 -23.40 -28.14
C ASN A 213 16.74 -22.01 -28.75
N TRP A 214 17.10 -20.99 -27.98
CA TRP A 214 17.16 -19.63 -28.51
C TRP A 214 18.29 -19.50 -29.53
N GLN A 215 18.08 -18.71 -30.58
CA GLN A 215 19.21 -18.29 -31.41
C GLN A 215 20.14 -17.40 -30.59
N PRO A 216 21.46 -17.51 -30.83
CA PRO A 216 22.44 -16.69 -30.12
C PRO A 216 22.13 -15.20 -30.31
N SER A 217 22.35 -14.41 -29.27
CA SER A 217 22.19 -12.96 -29.38
C SER A 217 23.46 -12.36 -29.98
N PRO A 218 23.33 -11.24 -30.68
CA PRO A 218 24.52 -10.53 -31.18
C PRO A 218 25.34 -10.02 -30.00
N LEU A 219 24.62 -9.62 -28.95
CA LEU A 219 25.21 -9.02 -27.77
C LEU A 219 26.21 -9.95 -27.06
N GLU A 220 25.84 -11.22 -26.90
CA GLU A 220 26.69 -12.16 -26.16
C GLU A 220 28.04 -12.34 -26.85
N HIS A 221 28.06 -12.26 -28.18
CA HIS A 221 29.31 -12.46 -28.92
C HIS A 221 30.22 -11.24 -28.88
N ILE A 222 29.64 -10.05 -28.72
CA ILE A 222 30.46 -8.84 -28.61
C ILE A 222 31.18 -8.80 -27.26
N GLU A 223 30.42 -8.86 -26.17
CA GLU A 223 31.00 -8.82 -24.83
C GLU A 223 31.68 -10.14 -24.47
N MET A 224 31.35 -11.21 -25.19
CA MET A 224 31.78 -12.56 -24.80
C MET A 224 31.28 -12.89 -23.38
N LEU A 225 29.99 -12.70 -23.18
CA LEU A 225 29.34 -12.95 -21.90
C LEU A 225 28.07 -13.75 -22.18
N GLU A 226 28.07 -15.05 -21.88
CA GLU A 226 26.95 -15.92 -22.25
C GLU A 226 25.61 -15.53 -21.58
N GLN A 227 25.69 -14.90 -20.41
CA GLN A 227 24.47 -14.56 -19.68
C GLN A 227 23.65 -13.48 -20.40
N LEU A 228 24.28 -12.75 -21.31
CA LEU A 228 23.54 -11.71 -22.02
C LEU A 228 22.45 -12.27 -22.94
N ARG A 229 22.55 -13.54 -23.32
CA ARG A 229 21.48 -14.13 -24.14
C ARG A 229 20.14 -14.03 -23.41
N VAL A 230 20.19 -14.29 -22.11
CA VAL A 230 18.98 -14.29 -21.27
C VAL A 230 18.36 -12.89 -21.25
N LEU A 231 19.18 -11.88 -21.01
CA LEU A 231 18.65 -10.50 -20.97
C LEU A 231 18.14 -10.07 -22.33
N TRP A 232 18.84 -10.48 -23.39
CA TRP A 232 18.43 -10.16 -24.76
C TRP A 232 17.01 -10.65 -25.05
N TYR A 233 16.65 -11.84 -24.57
CA TYR A 233 15.30 -12.40 -24.83
C TYR A 233 14.30 -11.97 -23.77
N GLY A 234 14.69 -10.99 -22.96
CA GLY A 234 13.77 -10.38 -22.01
C GLY A 234 13.47 -11.14 -20.73
N GLU A 235 14.29 -12.14 -20.40
CA GLU A 235 14.11 -12.89 -19.15
C GLU A 235 15.00 -12.32 -18.03
N LYS A 236 14.57 -12.49 -16.78
CA LYS A 236 15.31 -11.92 -15.65
C LYS A 236 16.40 -12.84 -15.09
N ILE A 237 17.44 -12.22 -14.55
CA ILE A 237 18.47 -12.92 -13.79
C ILE A 237 18.57 -12.25 -12.42
N HIS A 238 18.31 -13.01 -11.37
CA HIS A 238 18.49 -12.41 -10.04
C HIS A 238 19.93 -12.53 -9.57
N VAL A 239 20.45 -11.46 -9.00
CA VAL A 239 21.83 -11.42 -8.55
C VAL A 239 21.88 -11.14 -7.05
N ALA A 240 22.29 -12.14 -6.27
CA ALA A 240 22.52 -11.90 -4.85
C ALA A 240 23.88 -11.27 -4.67
N VAL A 241 24.04 -10.47 -3.62
CA VAL A 241 25.33 -9.85 -3.33
C VAL A 241 25.87 -10.42 -2.03
N ALA A 242 27.09 -10.96 -2.08
CA ALA A 242 27.78 -11.41 -0.88
C ALA A 242 28.87 -10.40 -0.54
N GLN A 243 29.03 -10.08 0.73
CA GLN A 243 29.95 -8.99 1.09
C GLN A 243 31.42 -9.36 0.95
N GLU A 244 31.77 -10.58 1.34
CA GLU A 244 33.18 -10.98 1.34
C GLU A 244 33.39 -12.35 0.74
N VAL A 245 34.17 -12.40 -0.34
CA VAL A 245 34.60 -13.66 -0.92
C VAL A 245 36.05 -13.51 -1.37
N PRO A 246 36.99 -14.10 -0.61
CA PRO A 246 38.42 -14.01 -0.93
C PRO A 246 38.73 -14.69 -2.27
N GLY A 247 39.79 -14.26 -2.92
CA GLY A 247 40.21 -14.86 -4.17
C GLY A 247 39.62 -14.19 -5.40
N THR A 248 39.72 -14.88 -6.53
CA THR A 248 39.27 -14.36 -7.80
C THR A 248 39.14 -15.52 -8.78
N GLY A 249 38.44 -15.29 -9.89
CA GLY A 249 38.38 -16.28 -10.94
C GLY A 249 39.72 -16.30 -11.66
N VAL A 250 39.98 -17.38 -12.38
CA VAL A 250 41.26 -17.54 -13.06
C VAL A 250 41.10 -17.48 -14.57
N ASP A 251 41.32 -16.30 -15.14
CA ASP A 251 41.17 -16.14 -16.58
C ASP A 251 42.47 -15.75 -17.27
N THR A 252 43.43 -15.23 -16.50
CA THR A 252 44.71 -14.80 -17.05
C THR A 252 45.90 -15.37 -16.30
N PRO A 253 47.08 -15.32 -16.93
CA PRO A 253 48.33 -15.70 -16.25
C PRO A 253 48.47 -14.97 -14.91
N GLU A 254 48.12 -13.69 -14.88
CA GLU A 254 48.18 -12.91 -13.64
C GLU A 254 47.22 -13.42 -12.55
N ASP A 255 46.03 -13.86 -12.96
CA ASP A 255 45.06 -14.41 -12.02
C ASP A 255 45.61 -15.68 -11.38
N LEU A 256 46.25 -16.51 -12.21
CA LEU A 256 46.81 -17.78 -11.77
C LEU A 256 47.90 -17.58 -10.72
N GLU A 257 48.77 -16.60 -10.92
CA GLU A 257 49.80 -16.32 -9.93
C GLU A 257 49.17 -15.88 -8.61
N ARG A 258 48.16 -15.02 -8.68
CA ARG A 258 47.48 -14.58 -7.47
C ARG A 258 46.82 -15.74 -6.74
N VAL A 259 46.15 -16.63 -7.47
CA VAL A 259 45.45 -17.73 -6.84
C VAL A 259 46.43 -18.76 -6.27
N ARG A 260 47.52 -19.00 -7.00
CA ARG A 260 48.58 -19.88 -6.51
C ARG A 260 49.07 -19.40 -5.13
N ALA A 261 49.25 -18.10 -5.01
CA ALA A 261 49.71 -17.51 -3.75
C ALA A 261 48.65 -17.54 -2.65
N GLU A 262 47.39 -17.39 -3.01
CA GLU A 262 46.33 -17.27 -1.99
C GLU A 262 45.79 -18.60 -1.46
N MET A 263 45.89 -19.67 -2.24
CA MET A 263 45.34 -20.96 -1.81
C MET A 263 46.31 -21.77 -0.94
N SER B 18 -4.32 19.84 -1.09
CA SER B 18 -3.05 19.24 -0.70
C SER B 18 -3.23 18.37 0.54
N PHE B 19 -2.73 17.14 0.49
CA PHE B 19 -2.83 16.28 1.66
C PHE B 19 -1.69 15.26 1.67
N VAL B 20 -1.44 14.67 2.82
CA VAL B 20 -0.38 13.68 2.98
C VAL B 20 -1.03 12.34 3.27
N VAL B 21 -0.55 11.27 2.64
CA VAL B 21 -1.02 9.93 3.03
C VAL B 21 0.06 9.24 3.85
N ILE B 22 -0.34 8.67 4.99
CA ILE B 22 0.56 7.82 5.78
C ILE B 22 -0.11 6.47 5.90
N ILE B 23 0.62 5.42 5.55
CA ILE B 23 0.10 4.05 5.58
C ILE B 23 0.75 3.29 6.72
N PRO B 24 -0.02 2.96 7.77
CA PRO B 24 0.55 2.20 8.89
C PRO B 24 0.62 0.73 8.51
N ALA B 25 1.75 0.07 8.76
CA ALA B 25 1.88 -1.31 8.32
C ALA B 25 2.84 -2.06 9.23
N ARG B 26 2.35 -2.47 10.40
CA ARG B 26 3.17 -3.32 11.26
C ARG B 26 3.20 -4.74 10.71
N TYR B 27 4.25 -5.49 11.05
CA TYR B 27 4.40 -6.83 10.49
C TYR B 27 3.51 -7.87 11.19
N ALA B 28 3.51 -7.84 12.53
CA ALA B 28 2.89 -8.94 13.30
C ALA B 28 1.38 -8.82 13.51
N SER B 29 0.62 -8.85 12.43
CA SER B 29 -0.83 -8.98 12.54
C SER B 29 -1.17 -10.37 13.05
N THR B 30 -2.23 -10.47 13.85
CA THR B 30 -2.61 -11.75 14.46
C THR B 30 -3.54 -12.59 13.58
N ARG B 31 -4.49 -11.95 12.90
CA ARG B 31 -5.44 -12.71 12.09
C ARG B 31 -4.83 -13.14 10.76
N LEU B 32 -3.76 -12.47 10.35
CA LEU B 32 -3.04 -12.84 9.13
C LEU B 32 -1.61 -12.38 9.28
N PRO B 33 -0.76 -13.20 9.91
CA PRO B 33 0.60 -12.77 10.24
C PRO B 33 1.44 -12.32 9.04
N GLY B 34 2.27 -11.31 9.26
CA GLY B 34 3.13 -10.77 8.23
C GLY B 34 2.41 -10.18 7.03
N LYS B 35 1.17 -9.73 7.20
CA LYS B 35 0.33 -9.41 6.05
C LYS B 35 0.82 -8.31 5.08
N PRO B 36 1.59 -7.31 5.56
CA PRO B 36 2.06 -6.30 4.61
C PRO B 36 2.87 -6.94 3.48
N LEU B 37 3.49 -8.08 3.74
CA LEU B 37 4.36 -8.71 2.74
C LEU B 37 3.75 -9.88 1.97
N VAL B 38 2.47 -10.21 2.21
CA VAL B 38 1.87 -11.30 1.46
C VAL B 38 1.76 -10.93 0.00
N ASP B 39 2.09 -11.89 -0.86
CA ASP B 39 2.07 -11.65 -2.29
C ASP B 39 0.65 -11.55 -2.82
N ILE B 40 0.43 -10.54 -3.63
CA ILE B 40 -0.81 -10.44 -4.40
C ILE B 40 -0.42 -10.20 -5.86
N ASN B 41 -0.49 -11.26 -6.66
CA ASN B 41 -0.15 -11.18 -8.08
C ASN B 41 1.20 -10.55 -8.37
N GLY B 42 2.22 -10.92 -7.59
CA GLY B 42 3.58 -10.51 -7.87
C GLY B 42 4.14 -9.37 -7.04
N LYS B 43 3.29 -8.68 -6.30
CA LYS B 43 3.74 -7.59 -5.44
C LYS B 43 3.18 -7.77 -4.03
N PRO B 44 3.95 -7.36 -3.01
CA PRO B 44 3.43 -7.46 -1.65
C PRO B 44 2.26 -6.51 -1.43
N MET B 45 1.35 -6.86 -0.53
CA MET B 45 0.16 -6.06 -0.27
C MET B 45 0.49 -4.59 -0.04
N ILE B 46 1.53 -4.33 0.75
CA ILE B 46 1.87 -2.95 1.11
C ILE B 46 2.17 -2.11 -0.12
N VAL B 47 2.77 -2.73 -1.15
CA VAL B 47 3.09 -2.00 -2.38
C VAL B 47 1.82 -1.64 -3.16
N HIS B 48 0.83 -2.53 -3.16
CA HIS B 48 -0.47 -2.22 -3.76
C HIS B 48 -1.11 -1.01 -3.09
N VAL B 49 -1.08 -0.96 -1.75
CA VAL B 49 -1.66 0.20 -1.04
C VAL B 49 -0.90 1.47 -1.42
N LEU B 50 0.43 1.37 -1.47
CA LEU B 50 1.27 2.48 -1.89
C LEU B 50 0.81 3.02 -3.25
N GLU B 51 0.45 2.11 -4.17
CA GLU B 51 0.01 2.54 -5.49
C GLU B 51 -1.34 3.26 -5.45
N ARG B 52 -2.27 2.79 -4.62
CA ARG B 52 -3.55 3.48 -4.47
C ARG B 52 -3.29 4.91 -4.00
N ALA B 53 -2.36 5.05 -3.04
CA ALA B 53 -2.02 6.36 -2.49
C ALA B 53 -1.42 7.28 -3.55
N ARG B 54 -0.52 6.76 -4.36
CA ARG B 54 0.05 7.54 -5.45
C ARG B 54 -1.04 8.01 -6.39
N GLU B 55 -1.95 7.11 -6.74
CA GLU B 55 -3.04 7.43 -7.66
C GLU B 55 -3.95 8.55 -7.14
N SER B 56 -3.97 8.74 -5.82
CA SER B 56 -4.85 9.73 -5.20
C SER B 56 -4.37 11.16 -5.41
N GLY B 57 -3.11 11.33 -5.81
CA GLY B 57 -2.56 12.67 -5.99
C GLY B 57 -2.03 13.31 -4.71
N ALA B 58 -1.91 12.52 -3.65
CA ALA B 58 -1.31 13.00 -2.40
C ALA B 58 0.05 13.65 -2.64
N GLU B 59 0.32 14.74 -1.92
CA GLU B 59 1.56 15.48 -2.10
C GLU B 59 2.77 14.75 -1.50
N ARG B 60 2.51 13.86 -0.57
CA ARG B 60 3.56 13.13 0.10
C ARG B 60 2.95 11.84 0.60
N ILE B 61 3.70 10.73 0.51
CA ILE B 61 3.21 9.42 0.90
C ILE B 61 4.29 8.72 1.69
N ILE B 62 3.95 8.27 2.89
CA ILE B 62 4.91 7.63 3.78
C ILE B 62 4.34 6.32 4.31
N VAL B 63 5.12 5.25 4.23
CA VAL B 63 4.71 4.02 4.91
C VAL B 63 5.38 3.98 6.28
N ALA B 64 4.57 3.79 7.32
CA ALA B 64 5.07 3.71 8.69
C ALA B 64 5.11 2.25 9.05
N THR B 65 6.29 1.74 9.41
CA THR B 65 6.38 0.33 9.76
C THR B 65 7.34 0.09 10.92
N ASP B 66 7.36 -1.14 11.42
CA ASP B 66 8.22 -1.48 12.54
C ASP B 66 9.18 -2.60 12.18
N HIS B 67 9.22 -2.96 10.91
CA HIS B 67 9.94 -4.16 10.47
C HIS B 67 10.81 -3.87 9.23
N GLU B 68 12.10 -4.21 9.30
CA GLU B 68 13.03 -3.88 8.22
CA GLU B 68 13.02 -3.87 8.22
C GLU B 68 12.64 -4.51 6.88
N ASP B 69 12.05 -5.71 6.92
CA ASP B 69 11.64 -6.35 5.67
C ASP B 69 10.52 -5.61 4.97
N VAL B 70 9.59 -5.06 5.76
CA VAL B 70 8.56 -4.18 5.18
C VAL B 70 9.21 -2.91 4.62
N ALA B 71 10.12 -2.32 5.40
CA ALA B 71 10.83 -1.13 4.92
C ALA B 71 11.54 -1.38 3.58
N ARG B 72 12.26 -2.49 3.49
CA ARG B 72 13.00 -2.79 2.26
C ARG B 72 12.09 -2.93 1.04
N ALA B 73 10.93 -3.58 1.23
CA ALA B 73 9.99 -3.79 0.14
C ALA B 73 9.46 -2.44 -0.37
N VAL B 74 9.14 -1.55 0.56
CA VAL B 74 8.62 -0.24 0.20
C VAL B 74 9.69 0.61 -0.51
N GLU B 75 10.90 0.62 0.05
CA GLU B 75 11.99 1.39 -0.55
C GLU B 75 12.32 0.89 -1.96
N ALA B 76 12.21 -0.42 -2.16
CA ALA B 76 12.47 -1.01 -3.47
C ALA B 76 11.40 -0.60 -4.47
N ALA B 77 10.20 -0.27 -4.00
CA ALA B 77 9.14 0.23 -4.86
C ALA B 77 9.21 1.75 -4.95
N GLY B 78 10.23 2.33 -4.30
CA GLY B 78 10.48 3.76 -4.41
C GLY B 78 9.63 4.62 -3.48
N GLY B 79 9.04 4.00 -2.46
CA GLY B 79 8.24 4.76 -1.50
C GLY B 79 9.05 5.22 -0.31
N GLU B 80 8.63 6.31 0.32
CA GLU B 80 9.26 6.81 1.52
C GLU B 80 8.83 5.97 2.73
N VAL B 81 9.76 5.67 3.63
CA VAL B 81 9.47 4.86 4.81
C VAL B 81 9.84 5.60 6.08
N CYS B 82 9.02 5.45 7.12
CA CYS B 82 9.39 5.94 8.44
C CYS B 82 9.36 4.77 9.42
N MET B 83 10.50 4.44 10.02
CA MET B 83 10.53 3.39 11.04
C MET B 83 9.90 3.93 12.31
N THR B 84 9.15 3.08 13.01
CA THR B 84 8.39 3.51 14.19
C THR B 84 8.43 2.45 15.28
N ARG B 85 8.03 2.81 16.49
CA ARG B 85 8.13 1.89 17.63
C ARG B 85 7.30 0.63 17.46
N ALA B 86 7.81 -0.48 18.01
CA ALA B 86 7.07 -1.72 17.98
C ALA B 86 5.86 -1.71 18.95
N ASP B 87 5.90 -0.84 19.96
CA ASP B 87 4.84 -0.88 20.98
C ASP B 87 3.58 -0.05 20.68
N HIS B 88 3.48 0.56 19.51
CA HIS B 88 2.23 1.23 19.12
C HIS B 88 1.10 0.19 19.05
N GLN B 89 -0.08 0.57 19.52
CA GLN B 89 -1.21 -0.36 19.59
C GLN B 89 -2.24 -0.18 18.47
N SER B 90 -2.05 0.84 17.62
CA SER B 90 -2.92 0.97 16.46
C SER B 90 -2.21 1.78 15.38
N GLY B 91 -2.76 1.77 14.17
CA GLY B 91 -2.25 2.58 13.08
C GLY B 91 -2.26 4.06 13.41
N THR B 92 -3.31 4.52 14.09
CA THR B 92 -3.40 5.94 14.41
C THR B 92 -2.30 6.35 15.40
N GLU B 93 -2.04 5.49 16.39
CA GLU B 93 -0.94 5.77 17.32
C GLU B 93 0.40 5.81 16.56
N ARG B 94 0.59 4.90 15.62
CA ARG B 94 1.83 4.84 14.82
C ARG B 94 1.96 6.12 13.98
N LEU B 95 0.84 6.56 13.39
CA LEU B 95 0.86 7.81 12.63
C LEU B 95 1.36 9.00 13.44
N ALA B 96 0.99 9.07 14.71
CA ALA B 96 1.42 10.21 15.53
C ALA B 96 2.94 10.31 15.60
N GLU B 97 3.62 9.17 15.70
CA GLU B 97 5.09 9.19 15.67
C GLU B 97 5.61 9.79 14.36
N VAL B 98 5.01 9.41 13.23
CA VAL B 98 5.43 9.96 11.93
C VAL B 98 5.19 11.47 11.88
N VAL B 99 4.02 11.88 12.39
CA VAL B 99 3.65 13.29 12.42
C VAL B 99 4.64 14.14 13.24
N GLU B 100 5.10 13.59 14.35
CA GLU B 100 6.07 14.32 15.20
C GLU B 100 7.43 14.39 14.51
N LYS B 101 7.86 13.30 13.91
CA LYS B 101 9.15 13.27 13.22
C LYS B 101 9.17 14.19 12.00
N CYS B 102 8.07 14.23 11.24
CA CYS B 102 8.00 15.10 10.07
C CYS B 102 7.68 16.55 10.43
N ALA B 103 7.22 16.75 11.66
CA ALA B 103 6.89 18.09 12.15
C ALA B 103 5.85 18.83 11.32
N PHE B 104 4.81 18.12 10.87
CA PHE B 104 3.72 18.75 10.13
C PHE B 104 3.07 19.88 10.91
N SER B 105 2.63 20.92 10.21
CA SER B 105 1.80 21.96 10.81
C SER B 105 0.50 21.35 11.33
N ASP B 106 -0.08 21.93 12.37
CA ASP B 106 -1.32 21.41 12.93
C ASP B 106 -2.45 21.31 11.90
N ASP B 107 -2.48 22.24 10.93
CA ASP B 107 -3.57 22.27 9.96
C ASP B 107 -3.34 21.37 8.72
N THR B 108 -2.22 20.68 8.67
CA THR B 108 -1.93 19.77 7.55
C THR B 108 -2.86 18.57 7.57
N VAL B 109 -3.47 18.28 6.42
CA VAL B 109 -4.44 17.20 6.31
C VAL B 109 -3.72 15.88 6.07
N ILE B 110 -3.96 14.91 6.95
CA ILE B 110 -3.35 13.59 6.86
C ILE B 110 -4.46 12.59 6.54
N VAL B 111 -4.21 11.68 5.60
CA VAL B 111 -5.13 10.56 5.38
C VAL B 111 -4.41 9.28 5.75
N ASN B 112 -4.95 8.57 6.74
CA ASN B 112 -4.51 7.23 7.07
C ASN B 112 -5.20 6.29 6.08
N VAL B 113 -4.45 5.75 5.13
CA VAL B 113 -4.97 4.65 4.31
C VAL B 113 -4.39 3.37 4.89
N GLN B 114 -5.24 2.52 5.47
CA GLN B 114 -4.71 1.38 6.20
C GLN B 114 -4.00 0.41 5.26
N GLY B 115 -2.96 -0.24 5.78
CA GLY B 115 -2.17 -1.19 5.00
C GLY B 115 -2.98 -2.41 4.59
N ASP B 116 -4.19 -2.56 5.11
CA ASP B 116 -5.05 -3.69 4.74
C ASP B 116 -6.06 -3.35 3.65
N GLU B 117 -5.86 -2.23 2.94
CA GLU B 117 -6.84 -1.83 1.93
C GLU B 117 -6.22 -1.68 0.53
N PRO B 118 -5.71 -2.79 -0.03
CA PRO B 118 -5.04 -2.70 -1.35
C PRO B 118 -5.97 -2.34 -2.52
N MET B 119 -7.29 -2.45 -2.33
CA MET B 119 -8.21 -2.17 -3.43
C MET B 119 -9.00 -0.86 -3.28
N ILE B 120 -8.65 -0.06 -2.27
CA ILE B 120 -9.38 1.19 -2.06
C ILE B 120 -9.09 2.16 -3.21
N PRO B 121 -10.14 2.67 -3.87
CA PRO B 121 -9.93 3.52 -5.05
C PRO B 121 -9.30 4.88 -4.71
N ALA B 122 -8.48 5.40 -5.61
CA ALA B 122 -7.91 6.73 -5.41
C ALA B 122 -9.00 7.80 -5.19
N THR B 123 -10.13 7.66 -5.87
CA THR B 123 -11.21 8.64 -5.72
CA THR B 123 -11.22 8.64 -5.73
C THR B 123 -11.74 8.69 -4.29
N ILE B 124 -11.78 7.54 -3.63
CA ILE B 124 -12.24 7.46 -2.23
C ILE B 124 -11.23 8.15 -1.31
N ILE B 125 -9.94 7.96 -1.58
CA ILE B 125 -8.90 8.63 -0.80
C ILE B 125 -9.06 10.15 -0.89
N ARG B 126 -9.25 10.68 -2.09
CA ARG B 126 -9.43 12.13 -2.26
CA ARG B 126 -9.44 12.13 -2.29
C ARG B 126 -10.72 12.62 -1.62
N GLN B 127 -11.79 11.83 -1.71
CA GLN B 127 -13.06 12.21 -1.13
CA GLN B 127 -13.07 12.21 -1.13
C GLN B 127 -12.95 12.41 0.38
N VAL B 128 -12.21 11.53 1.04
CA VAL B 128 -12.07 11.63 2.49
C VAL B 128 -11.29 12.90 2.87
N ALA B 129 -10.21 13.17 2.15
CA ALA B 129 -9.43 14.37 2.41
C ALA B 129 -10.29 15.63 2.19
N ASP B 130 -11.06 15.64 1.10
CA ASP B 130 -11.92 16.78 0.79
C ASP B 130 -13.02 17.00 1.81
N ASN B 131 -13.65 15.90 2.24
CA ASN B 131 -14.72 15.95 3.23
C ASN B 131 -14.23 16.53 4.56
N LEU B 132 -13.05 16.08 4.98
CA LEU B 132 -12.43 16.55 6.22
C LEU B 132 -12.20 18.05 6.12
N ALA B 133 -11.60 18.47 5.01
CA ALA B 133 -11.17 19.85 4.85
C ALA B 133 -12.35 20.80 4.77
N GLN B 134 -13.48 20.28 4.28
CA GLN B 134 -14.67 21.10 4.13
C GLN B 134 -15.53 21.20 5.38
N ARG B 135 -15.21 20.41 6.40
CA ARG B 135 -16.02 20.40 7.62
C ARG B 135 -15.21 20.81 8.85
N GLN B 136 -15.91 21.32 9.85
CA GLN B 136 -15.28 21.70 11.11
C GLN B 136 -15.21 20.49 12.02
N VAL B 137 -15.24 19.31 11.42
CA VAL B 137 -15.13 18.07 12.16
C VAL B 137 -13.66 17.67 12.26
N GLY B 138 -13.31 16.96 13.34
CA GLY B 138 -11.93 16.61 13.58
C GLY B 138 -11.47 15.38 12.81
N MET B 139 -12.42 14.53 12.43
CA MET B 139 -12.07 13.28 11.77
C MET B 139 -13.16 12.86 10.79
N ALA B 140 -12.75 12.38 9.62
CA ALA B 140 -13.70 11.97 8.58
C ALA B 140 -13.37 10.56 8.12
N THR B 141 -14.39 9.83 7.72
CA THR B 141 -14.16 8.49 7.18
C THR B 141 -15.25 8.16 6.18
N LEU B 142 -15.31 6.91 5.73
CA LEU B 142 -16.24 6.52 4.68
C LEU B 142 -16.74 5.10 4.88
N ALA B 143 -17.96 4.83 4.45
CA ALA B 143 -18.53 3.48 4.54
C ALA B 143 -19.27 3.13 3.25
N VAL B 144 -19.55 1.85 3.06
CA VAL B 144 -20.28 1.39 1.88
C VAL B 144 -21.38 0.40 2.27
N PRO B 145 -22.47 0.35 1.49
CA PRO B 145 -23.58 -0.54 1.82
C PRO B 145 -23.16 -2.01 1.83
N ILE B 146 -23.78 -2.78 2.71
CA ILE B 146 -23.58 -4.22 2.78
C ILE B 146 -24.81 -4.85 2.12
N HIS B 147 -24.59 -5.78 1.21
CA HIS B 147 -25.70 -6.33 0.45
C HIS B 147 -25.92 -7.83 0.69
N ASN B 148 -25.01 -8.46 1.43
CA ASN B 148 -25.24 -9.86 1.80
C ASN B 148 -25.15 -10.12 3.31
N ALA B 149 -25.94 -11.07 3.76
CA ALA B 149 -26.07 -11.35 5.18
C ALA B 149 -24.81 -11.91 5.81
N GLU B 150 -24.02 -12.63 5.01
CA GLU B 150 -22.78 -13.20 5.53
C GLU B 150 -21.87 -12.09 6.07
N GLU B 151 -21.76 -11.01 5.31
CA GLU B 151 -20.90 -9.89 5.70
C GLU B 151 -21.49 -9.13 6.89
N ALA B 152 -22.81 -8.98 6.91
CA ALA B 152 -23.48 -8.32 8.03
C ALA B 152 -23.24 -9.02 9.36
N PHE B 153 -23.06 -10.34 9.34
CA PHE B 153 -22.87 -11.10 10.57
C PHE B 153 -21.42 -11.53 10.79
N ASN B 154 -20.52 -10.99 9.98
CA ASN B 154 -19.09 -11.28 10.11
C ASN B 154 -18.39 -10.21 10.97
N PRO B 155 -17.87 -10.59 12.14
CA PRO B 155 -17.27 -9.61 13.05
C PRO B 155 -15.97 -9.01 12.52
N ASN B 156 -15.41 -9.55 11.44
CA ASN B 156 -14.26 -8.89 10.82
C ASN B 156 -14.67 -7.77 9.88
N ALA B 157 -15.95 -7.69 9.58
CA ALA B 157 -16.46 -6.54 8.84
C ALA B 157 -17.07 -5.59 9.87
N VAL B 158 -16.50 -4.40 9.97
CA VAL B 158 -16.94 -3.45 10.97
C VAL B 158 -18.17 -2.72 10.45
N LYS B 159 -19.25 -2.76 11.23
CA LYS B 159 -20.46 -2.02 10.85
C LYS B 159 -20.47 -0.64 11.52
N VAL B 160 -21.16 0.30 10.89
CA VAL B 160 -21.29 1.63 11.49
C VAL B 160 -22.73 2.09 11.36
N VAL B 161 -23.22 2.78 12.40
CA VAL B 161 -24.57 3.34 12.41
CA VAL B 161 -24.56 3.34 12.40
C VAL B 161 -24.46 4.85 12.51
N LEU B 162 -25.18 5.57 11.63
CA LEU B 162 -25.06 7.03 11.52
C LEU B 162 -26.25 7.79 12.10
N ASP B 163 -26.03 9.04 12.48
CA ASP B 163 -27.16 9.92 12.80
C ASP B 163 -27.66 10.62 11.54
N ALA B 164 -28.62 11.52 11.69
CA ALA B 164 -29.28 12.15 10.53
C ALA B 164 -28.32 12.99 9.70
N GLU B 165 -27.29 13.53 10.34
CA GLU B 165 -26.31 14.40 9.69
C GLU B 165 -25.10 13.62 9.15
N GLY B 166 -25.10 12.32 9.33
CA GLY B 166 -24.02 11.49 8.84
C GLY B 166 -22.86 11.28 9.82
N TYR B 167 -22.97 11.77 11.04
CA TYR B 167 -21.92 11.47 12.04
C TYR B 167 -22.14 10.08 12.60
N ALA B 168 -21.05 9.39 12.95
CA ALA B 168 -21.18 8.04 13.50
C ALA B 168 -21.76 8.09 14.92
N LEU B 169 -22.77 7.27 15.18
CA LEU B 169 -23.22 7.04 16.53
C LEU B 169 -22.30 6.00 17.21
N TYR B 170 -21.97 4.95 16.47
CA TYR B 170 -21.17 3.86 17.01
C TYR B 170 -20.61 3.01 15.87
N PHE B 171 -19.43 2.41 16.07
CA PHE B 171 -18.85 1.45 15.13
C PHE B 171 -18.80 0.14 15.93
N SER B 172 -19.11 -0.99 15.32
CA SER B 172 -19.05 -2.25 16.07
C SER B 172 -18.77 -3.45 15.18
N ARG B 173 -18.20 -4.48 15.78
CA ARG B 173 -18.08 -5.76 15.10
C ARG B 173 -19.39 -6.55 15.21
N ALA B 174 -20.31 -6.08 16.06
CA ALA B 174 -21.63 -6.69 16.15
C ALA B 174 -22.52 -6.23 15.01
N THR B 175 -23.61 -6.93 14.78
CA THR B 175 -24.50 -6.63 13.67
C THR B 175 -25.44 -5.47 14.01
N ILE B 176 -25.02 -4.25 13.70
CA ILE B 176 -25.83 -3.06 13.98
C ILE B 176 -26.12 -2.28 12.70
N PRO B 177 -27.32 -1.66 12.61
CA PRO B 177 -28.42 -1.71 13.56
C PRO B 177 -29.11 -3.07 13.52
N TRP B 178 -29.48 -3.60 14.67
CA TRP B 178 -30.14 -4.90 14.75
C TRP B 178 -31.57 -4.77 14.24
N ASP B 179 -31.95 -5.61 13.30
CA ASP B 179 -33.32 -5.60 12.77
C ASP B 179 -34.20 -6.52 13.62
N ARG B 180 -34.90 -5.96 14.60
CA ARG B 180 -35.60 -6.80 15.57
C ARG B 180 -36.52 -7.83 14.91
N ASP B 181 -37.47 -7.35 14.12
CA ASP B 181 -38.51 -8.23 13.58
C ASP B 181 -37.98 -9.24 12.55
N ARG B 182 -37.08 -8.78 11.68
CA ARG B 182 -36.50 -9.67 10.68
C ARG B 182 -35.68 -10.78 11.32
N PHE B 183 -34.83 -10.41 12.27
CA PHE B 183 -33.90 -11.36 12.86
C PHE B 183 -34.56 -12.28 13.89
N ALA B 184 -35.74 -11.89 14.38
CA ALA B 184 -36.48 -12.79 15.28
C ALA B 184 -36.95 -14.00 14.49
N GLU B 185 -37.18 -13.81 13.20
CA GLU B 185 -37.64 -14.89 12.33
C GLU B 185 -36.50 -15.73 11.75
N GLY B 186 -35.37 -15.09 11.44
CA GLY B 186 -34.23 -15.78 10.87
C GLY B 186 -33.06 -14.86 10.55
N LEU B 187 -31.86 -15.43 10.47
CA LEU B 187 -30.65 -14.65 10.24
C LEU B 187 -30.08 -14.77 8.82
N GLU B 188 -30.90 -15.23 7.88
CA GLU B 188 -30.39 -15.53 6.54
C GLU B 188 -30.50 -14.39 5.54
N THR B 189 -31.27 -13.36 5.88
CA THR B 189 -31.45 -12.22 4.98
C THR B 189 -31.26 -10.89 5.71
N VAL B 190 -30.86 -9.86 4.95
CA VAL B 190 -30.67 -8.53 5.51
C VAL B 190 -31.27 -7.46 4.61
N GLY B 191 -31.84 -6.42 5.22
CA GLY B 191 -32.44 -5.33 4.48
C GLY B 191 -31.41 -4.43 3.83
N ASP B 192 -31.83 -3.22 3.46
CA ASP B 192 -30.93 -2.27 2.81
C ASP B 192 -30.52 -1.18 3.78
N ASN B 193 -29.91 -1.55 4.89
CA ASN B 193 -29.53 -0.55 5.89
C ASN B 193 -28.26 -0.83 6.68
N PHE B 194 -27.45 -1.79 6.22
CA PHE B 194 -26.15 -2.00 6.84
C PHE B 194 -25.05 -1.27 6.08
N LEU B 195 -24.05 -0.79 6.80
CA LEU B 195 -22.91 -0.08 6.24
C LEU B 195 -21.63 -0.73 6.74
N ARG B 196 -20.73 -1.07 5.82
CA ARG B 196 -19.40 -1.57 6.18
C ARG B 196 -18.40 -0.41 6.20
N HIS B 197 -17.68 -0.25 7.30
CA HIS B 197 -16.73 0.84 7.46
C HIS B 197 -15.42 0.51 6.73
N LEU B 198 -14.94 1.44 5.91
CA LEU B 198 -13.66 1.25 5.20
C LEU B 198 -12.46 1.71 6.05
N GLY B 199 -11.31 1.06 5.88
CA GLY B 199 -10.12 1.35 6.68
C GLY B 199 -9.38 2.59 6.22
N ILE B 200 -10.03 3.74 6.33
CA ILE B 200 -9.41 4.99 5.91
C ILE B 200 -9.89 6.13 6.83
N TYR B 201 -8.96 6.98 7.26
CA TYR B 201 -9.32 8.12 8.12
C TYR B 201 -8.67 9.41 7.63
N GLY B 202 -9.43 10.50 7.63
CA GLY B 202 -8.87 11.82 7.42
C GLY B 202 -8.85 12.57 8.73
N TYR B 203 -7.72 13.18 9.07
CA TYR B 203 -7.63 14.02 10.25
C TYR B 203 -6.45 14.96 10.11
N ARG B 204 -6.57 16.15 10.66
CA ARG B 204 -5.45 17.10 10.63
CA ARG B 204 -5.43 17.08 10.60
C ARG B 204 -4.36 16.63 11.59
N ALA B 205 -3.12 17.03 11.34
CA ALA B 205 -2.01 16.59 12.20
C ALA B 205 -2.26 16.96 13.66
N GLY B 206 -2.86 18.13 13.89
CA GLY B 206 -3.14 18.56 15.26
C GLY B 206 -4.11 17.64 15.98
N PHE B 207 -5.07 17.09 15.24
CA PHE B 207 -6.02 16.12 15.82
C PHE B 207 -5.32 14.82 16.16
N ILE B 208 -4.39 14.38 15.30
CA ILE B 208 -3.67 13.14 15.60
C ILE B 208 -2.87 13.31 16.90
N ARG B 209 -2.29 14.50 17.09
CA ARG B 209 -1.57 14.78 18.33
CA ARG B 209 -1.58 14.81 18.34
C ARG B 209 -2.52 14.71 19.54
N ARG B 210 -3.71 15.29 19.40
CA ARG B 210 -4.69 15.24 20.49
C ARG B 210 -5.09 13.80 20.78
N TYR B 211 -5.27 13.01 19.72
CA TYR B 211 -5.67 11.61 19.86
C TYR B 211 -4.72 10.81 20.77
N VAL B 212 -3.41 10.92 20.54
CA VAL B 212 -2.47 10.12 21.33
C VAL B 212 -2.20 10.74 22.70
N ASN B 213 -2.62 12.00 22.89
CA ASN B 213 -2.55 12.58 24.22
C ASN B 213 -3.67 12.12 25.16
N TRP B 214 -4.78 11.67 24.60
CA TRP B 214 -5.83 11.05 25.40
C TRP B 214 -5.38 9.73 26.00
N GLN B 215 -5.81 9.41 27.22
CA GLN B 215 -5.67 8.03 27.72
C GLN B 215 -6.55 7.09 26.89
N PRO B 216 -6.06 5.87 26.65
CA PRO B 216 -6.85 4.90 25.88
C PRO B 216 -8.22 4.70 26.52
N SER B 217 -9.25 4.51 25.70
CA SER B 217 -10.58 4.16 26.22
C SER B 217 -10.67 2.66 26.47
N PRO B 218 -11.49 2.25 27.46
CA PRO B 218 -11.72 0.81 27.67
C PRO B 218 -12.40 0.21 26.46
N LEU B 219 -13.28 1.01 25.86
CA LEU B 219 -14.07 0.59 24.72
C LEU B 219 -13.24 0.15 23.51
N GLU B 220 -12.21 0.92 23.17
CA GLU B 220 -11.42 0.61 21.99
C GLU B 220 -10.73 -0.75 22.14
N HIS B 221 -10.37 -1.11 23.36
CA HIS B 221 -9.67 -2.38 23.60
C HIS B 221 -10.60 -3.59 23.55
N ILE B 222 -11.87 -3.40 23.91
CA ILE B 222 -12.86 -4.46 23.82
C ILE B 222 -13.18 -4.81 22.37
N GLU B 223 -13.61 -3.81 21.59
CA GLU B 223 -13.98 -4.03 20.20
C GLU B 223 -12.74 -4.17 19.31
N MET B 224 -11.59 -3.72 19.81
CA MET B 224 -10.39 -3.61 18.97
C MET B 224 -10.67 -2.70 17.76
N LEU B 225 -11.22 -1.52 18.05
CA LEU B 225 -11.54 -0.53 17.04
C LEU B 225 -11.00 0.82 17.51
N GLU B 226 -9.91 1.29 16.90
CA GLU B 226 -9.20 2.47 17.40
C GLU B 226 -10.05 3.74 17.34
N GLN B 227 -11.00 3.78 16.40
CA GLN B 227 -11.79 4.99 16.23
C GLN B 227 -12.74 5.22 17.41
N LEU B 228 -12.97 4.19 18.21
CA LEU B 228 -13.87 4.36 19.35
C LEU B 228 -13.30 5.31 20.42
N ARG B 229 -11.97 5.50 20.44
CA ARG B 229 -11.40 6.48 21.37
C ARG B 229 -12.00 7.86 21.16
N VAL B 230 -12.18 8.24 19.89
CA VAL B 230 -12.73 9.54 19.53
C VAL B 230 -14.16 9.69 20.06
N LEU B 231 -15.00 8.69 19.83
CA LEU B 231 -16.38 8.75 20.31
C LEU B 231 -16.44 8.77 21.83
N TRP B 232 -15.59 7.98 22.47
CA TRP B 232 -15.53 7.93 23.94
C TRP B 232 -15.27 9.32 24.53
N TYR B 233 -14.41 10.12 23.89
CA TYR B 233 -14.10 11.45 24.41
C TYR B 233 -15.07 12.52 23.91
N GLY B 234 -16.15 12.08 23.28
CA GLY B 234 -17.22 12.99 22.89
C GLY B 234 -17.01 13.81 21.64
N GLU B 235 -16.02 13.45 20.83
CA GLU B 235 -15.79 14.13 19.55
C GLU B 235 -16.49 13.41 18.41
N LYS B 236 -16.83 14.14 17.35
CA LYS B 236 -17.57 13.58 16.23
C LYS B 236 -16.68 13.01 15.12
N ILE B 237 -17.19 11.99 14.44
CA ILE B 237 -16.58 11.45 13.24
C ILE B 237 -17.60 11.50 12.12
N HIS B 238 -17.32 12.23 11.05
CA HIS B 238 -18.26 12.23 9.94
C HIS B 238 -17.99 11.06 8.99
N VAL B 239 -19.07 10.38 8.59
CA VAL B 239 -18.95 9.22 7.72
C VAL B 239 -19.69 9.47 6.41
N ALA B 240 -18.95 9.58 5.31
CA ALA B 240 -19.58 9.65 4.00
C ALA B 240 -19.93 8.23 3.56
N VAL B 241 -20.96 8.11 2.73
CA VAL B 241 -21.34 6.80 2.20
C VAL B 241 -21.14 6.79 0.69
N ALA B 242 -20.35 5.83 0.21
CA ALA B 242 -20.18 5.64 -1.22
C ALA B 242 -20.97 4.41 -1.64
N GLN B 243 -21.67 4.49 -2.78
CA GLN B 243 -22.59 3.42 -3.14
C GLN B 243 -21.88 2.15 -3.59
N GLU B 244 -20.81 2.31 -4.35
CA GLU B 244 -20.15 1.16 -4.95
C GLU B 244 -18.63 1.20 -4.77
N VAL B 245 -18.10 0.21 -4.06
CA VAL B 245 -16.65 0.05 -3.96
C VAL B 245 -16.30 -1.44 -4.01
N PRO B 246 -15.79 -1.90 -5.16
CA PRO B 246 -15.42 -3.31 -5.34
C PRO B 246 -14.32 -3.73 -4.37
N GLY B 247 -14.32 -5.00 -4.00
CA GLY B 247 -13.27 -5.54 -3.16
C GLY B 247 -13.60 -5.51 -1.67
N THR B 248 -12.55 -5.67 -0.86
CA THR B 248 -12.70 -5.74 0.58
C THR B 248 -11.34 -5.50 1.22
N GLY B 249 -11.34 -5.20 2.50
CA GLY B 249 -10.10 -5.10 3.25
C GLY B 249 -9.56 -6.49 3.47
N VAL B 250 -8.27 -6.59 3.76
CA VAL B 250 -7.62 -7.89 3.92
C VAL B 250 -7.23 -8.13 5.37
N ASP B 251 -8.09 -8.82 6.11
CA ASP B 251 -7.83 -9.12 7.51
C ASP B 251 -7.65 -10.60 7.80
N THR B 252 -8.16 -11.45 6.91
CA THR B 252 -8.08 -12.91 7.10
C THR B 252 -7.56 -13.64 5.87
N PRO B 253 -7.14 -14.89 6.05
CA PRO B 253 -6.76 -15.74 4.91
C PRO B 253 -7.84 -15.76 3.83
N GLU B 254 -9.11 -15.77 4.24
CA GLU B 254 -10.22 -15.78 3.29
C GLU B 254 -10.31 -14.48 2.49
N ASP B 255 -10.01 -13.37 3.14
CA ASP B 255 -10.00 -12.07 2.47
C ASP B 255 -8.92 -12.04 1.40
N LEU B 256 -7.75 -12.56 1.76
CA LEU B 256 -6.61 -12.59 0.86
C LEU B 256 -6.92 -13.36 -0.41
N GLU B 257 -7.52 -14.54 -0.27
CA GLU B 257 -7.86 -15.31 -1.45
C GLU B 257 -8.84 -14.55 -2.31
N ARG B 258 -9.81 -13.91 -1.68
CA ARG B 258 -10.78 -13.12 -2.43
C ARG B 258 -10.14 -11.96 -3.19
N VAL B 259 -9.24 -11.24 -2.54
CA VAL B 259 -8.57 -10.11 -3.18
C VAL B 259 -7.63 -10.58 -4.28
N ARG B 260 -6.97 -11.71 -4.05
CA ARG B 260 -6.08 -12.29 -5.06
C ARG B 260 -6.83 -12.56 -6.35
N ALA B 261 -8.07 -13.02 -6.21
CA ALA B 261 -8.93 -13.32 -7.35
C ALA B 261 -9.50 -12.06 -8.02
N GLU B 262 -9.78 -11.04 -7.23
CA GLU B 262 -10.43 -9.85 -7.78
C GLU B 262 -9.48 -8.83 -8.41
N MET B 263 -8.23 -8.80 -7.98
CA MET B 263 -7.26 -7.83 -8.53
C MET B 263 -6.58 -8.36 -9.79
N SER C 18 -42.78 16.72 43.14
CA SER C 18 -41.68 17.20 42.31
C SER C 18 -41.58 16.47 40.97
N PHE C 19 -42.26 15.34 40.81
CA PHE C 19 -42.36 14.73 39.48
C PHE C 19 -43.63 13.90 39.25
N VAL C 20 -43.98 13.76 37.97
CA VAL C 20 -45.15 13.02 37.54
C VAL C 20 -44.73 11.70 36.92
N VAL C 21 -45.32 10.60 37.36
CA VAL C 21 -45.07 9.32 36.69
C VAL C 21 -46.19 9.03 35.71
N ILE C 22 -45.83 8.69 34.48
CA ILE C 22 -46.80 8.20 33.52
C ILE C 22 -46.36 6.83 33.03
N ILE C 23 -47.25 5.86 33.13
CA ILE C 23 -46.97 4.49 32.71
C ILE C 23 -47.72 4.17 31.44
N PRO C 24 -47.02 4.04 30.31
CA PRO C 24 -47.69 3.68 29.06
C PRO C 24 -47.95 2.19 29.01
N ALA C 25 -49.19 1.80 28.72
CA ALA C 25 -49.52 0.38 28.71
C ALA C 25 -50.59 0.05 27.68
N ARG C 26 -50.18 -0.10 26.43
CA ARG C 26 -51.11 -0.51 25.38
C ARG C 26 -51.39 -2.00 25.52
N TYR C 27 -52.53 -2.44 25.01
CA TYR C 27 -52.92 -3.83 25.21
C TYR C 27 -52.20 -4.79 24.28
N ALA C 28 -52.09 -4.43 23.00
CA ALA C 28 -51.67 -5.39 21.97
C ALA C 28 -50.15 -5.52 21.76
N SER C 29 -49.43 -5.94 22.79
CA SER C 29 -48.01 -6.26 22.63
C SER C 29 -47.86 -7.50 21.74
N THR C 30 -46.80 -7.56 20.94
CA THR C 30 -46.66 -8.63 19.98
C THR C 30 -45.90 -9.83 20.52
N ARG C 31 -44.91 -9.60 21.38
CA ARG C 31 -44.11 -10.71 21.93
C ARG C 31 -44.80 -11.40 23.10
N LEU C 32 -45.72 -10.71 23.74
CA LEU C 32 -46.50 -11.24 24.86
C LEU C 32 -47.87 -10.57 24.83
N PRO C 33 -48.83 -11.12 24.06
CA PRO C 33 -50.12 -10.47 23.88
C PRO C 33 -50.86 -10.13 25.19
N GLY C 34 -51.44 -8.92 25.23
CA GLY C 34 -52.25 -8.49 26.36
C GLY C 34 -51.49 -8.34 27.66
N LYS C 35 -50.18 -8.08 27.57
CA LYS C 35 -49.32 -8.18 28.75
C LYS C 35 -49.63 -7.26 29.94
N PRO C 36 -50.28 -6.10 29.71
CA PRO C 36 -50.52 -5.34 30.95
C PRO C 36 -51.45 -6.11 31.88
N LEU C 37 -52.24 -7.02 31.33
CA LEU C 37 -53.18 -7.76 32.14
C LEU C 37 -52.72 -9.16 32.54
N VAL C 38 -51.50 -9.57 32.16
CA VAL C 38 -51.07 -10.91 32.56
C VAL C 38 -50.99 -11.04 34.07
N ASP C 39 -51.44 -12.18 34.60
CA ASP C 39 -51.42 -12.41 36.03
C ASP C 39 -50.00 -12.63 36.54
N ILE C 40 -49.58 -11.84 37.52
CA ILE C 40 -48.34 -12.11 38.23
C ILE C 40 -48.67 -12.31 39.70
N ASN C 41 -48.80 -13.57 40.10
CA ASN C 41 -49.06 -13.92 41.50
C ASN C 41 -50.23 -13.22 42.15
N GLY C 42 -51.33 -13.10 41.42
CA GLY C 42 -52.57 -12.60 41.99
C GLY C 42 -52.95 -11.19 41.61
N LYS C 43 -52.05 -10.47 40.94
CA LYS C 43 -52.33 -9.12 40.45
C LYS C 43 -51.81 -8.98 39.02
N PRO C 44 -52.50 -8.19 38.18
CA PRO C 44 -52.05 -7.98 36.80
C PRO C 44 -50.76 -7.17 36.77
N MET C 45 -49.92 -7.39 35.76
CA MET C 45 -48.64 -6.69 35.67
C MET C 45 -48.79 -5.18 35.84
N ILE C 46 -49.78 -4.58 35.18
CA ILE C 46 -49.91 -3.12 35.25
C ILE C 46 -50.11 -2.62 36.68
N VAL C 47 -50.77 -3.42 37.52
CA VAL C 47 -51.00 -3.01 38.89
C VAL C 47 -49.70 -3.08 39.71
N HIS C 48 -48.85 -4.07 39.43
CA HIS C 48 -47.54 -4.11 40.08
C HIS C 48 -46.71 -2.86 39.74
N VAL C 49 -46.72 -2.44 38.47
CA VAL C 49 -45.98 -1.24 38.07
C VAL C 49 -46.53 -0.03 38.80
N LEU C 50 -47.85 0.07 38.87
CA LEU C 50 -48.50 1.14 39.63
C LEU C 50 -48.00 1.15 41.08
N GLU C 51 -47.88 -0.02 41.70
CA GLU C 51 -47.37 -0.10 43.06
C GLU C 51 -45.92 0.41 43.19
N ARG C 52 -45.06 0.04 42.24
CA ARG C 52 -43.71 0.60 42.20
C ARG C 52 -43.76 2.13 42.11
N ALA C 53 -44.63 2.66 41.24
CA ALA C 53 -44.75 4.11 41.10
C ALA C 53 -45.21 4.77 42.39
N ARG C 54 -46.12 4.13 43.12
CA ARG C 54 -46.58 4.69 44.38
C ARG C 54 -45.44 4.75 45.40
N GLU C 55 -44.61 3.72 45.41
CA GLU C 55 -43.49 3.65 46.35
C GLU C 55 -42.46 4.75 46.10
N SER C 56 -42.45 5.29 44.90
CA SER C 56 -41.46 6.31 44.53
C SER C 56 -41.80 7.66 45.14
N GLY C 57 -43.05 7.85 45.56
CA GLY C 57 -43.49 9.11 46.13
C GLY C 57 -43.83 10.18 45.11
N ALA C 58 -44.00 9.77 43.85
CA ALA C 58 -44.43 10.68 42.80
C ALA C 58 -45.68 11.43 43.22
N GLU C 59 -45.76 12.71 42.87
CA GLU C 59 -46.90 13.55 43.22
C GLU C 59 -48.16 13.12 42.50
N ARG C 60 -48.00 12.58 41.30
CA ARG C 60 -49.12 12.20 40.45
C ARG C 60 -48.71 11.01 39.60
N ILE C 61 -49.61 10.05 39.47
CA ILE C 61 -49.32 8.83 38.72
C ILE C 61 -50.46 8.51 37.77
N ILE C 62 -50.15 8.42 36.48
CA ILE C 62 -51.16 8.20 35.45
C ILE C 62 -50.81 6.96 34.63
N VAL C 63 -51.76 6.04 34.46
CA VAL C 63 -51.57 4.97 33.49
C VAL C 63 -52.19 5.39 32.16
N ALA C 64 -51.37 5.39 31.11
CA ALA C 64 -51.84 5.76 29.77
C ALA C 64 -52.13 4.50 28.98
N THR C 65 -53.38 4.28 28.63
CA THR C 65 -53.72 3.06 27.89
C THR C 65 -54.69 3.31 26.75
N ASP C 66 -54.85 2.31 25.90
CA ASP C 66 -55.76 2.39 24.76
C ASP C 66 -56.87 1.35 24.89
N HIS C 67 -56.99 0.72 26.05
CA HIS C 67 -57.87 -0.45 26.20
C HIS C 67 -58.72 -0.38 27.48
N GLU C 68 -60.03 -0.53 27.35
CA GLU C 68 -60.91 -0.40 28.50
C GLU C 68 -60.62 -1.41 29.64
N ASP C 69 -60.19 -2.61 29.29
CA ASP C 69 -59.92 -3.61 30.34
C ASP C 69 -58.67 -3.27 31.14
N VAL C 70 -57.69 -2.64 30.50
CA VAL C 70 -56.54 -2.13 31.24
C VAL C 70 -56.99 -1.02 32.17
N ALA C 71 -57.81 -0.11 31.63
CA ALA C 71 -58.33 0.98 32.44
C ALA C 71 -59.05 0.46 33.70
N ARG C 72 -59.93 -0.51 33.51
CA ARG C 72 -60.68 -1.05 34.65
C ARG C 72 -59.77 -1.67 35.72
N ALA C 73 -58.73 -2.38 35.31
CA ALA C 73 -57.83 -3.00 36.28
C ALA C 73 -57.14 -1.93 37.11
N VAL C 74 -56.72 -0.85 36.46
CA VAL C 74 -56.04 0.24 37.16
C VAL C 74 -57.00 0.99 38.08
N GLU C 75 -58.19 1.29 37.57
CA GLU C 75 -59.20 1.96 38.37
C GLU C 75 -59.63 1.13 39.58
N ALA C 76 -59.75 -0.18 39.38
CA ALA C 76 -60.10 -1.07 40.49
C ALA C 76 -59.02 -1.06 41.58
N ALA C 77 -57.81 -0.67 41.20
CA ALA C 77 -56.70 -0.60 42.16
C ALA C 77 -56.52 0.81 42.69
N GLY C 78 -57.42 1.70 42.32
CA GLY C 78 -57.40 3.07 42.83
C GLY C 78 -56.48 4.00 42.06
N GLY C 79 -56.03 3.60 40.88
CA GLY C 79 -55.11 4.41 40.09
C GLY C 79 -55.80 5.27 39.05
N GLU C 80 -55.14 6.37 38.67
CA GLU C 80 -55.64 7.28 37.64
C GLU C 80 -55.30 6.78 36.23
N VAL C 81 -56.26 6.88 35.31
CA VAL C 81 -56.10 6.41 33.94
C VAL C 81 -56.30 7.54 32.94
N CYS C 82 -55.50 7.55 31.88
CA CYS C 82 -55.76 8.44 30.73
C CYS C 82 -55.91 7.60 29.47
N MET C 83 -57.09 7.64 28.85
CA MET C 83 -57.28 6.91 27.60
C MET C 83 -56.53 7.66 26.51
N THR C 84 -55.94 6.93 25.57
CA THR C 84 -55.10 7.54 24.55
C THR C 84 -55.36 6.84 23.24
N ARG C 85 -54.87 7.42 22.15
CA ARG C 85 -55.10 6.87 20.82
C ARG C 85 -54.47 5.50 20.62
N ALA C 86 -55.14 4.67 19.84
CA ALA C 86 -54.59 3.37 19.49
C ALA C 86 -53.41 3.47 18.53
N ASP C 87 -53.23 4.60 17.87
CA ASP C 87 -52.26 4.64 16.77
C ASP C 87 -50.84 5.06 17.18
N HIS C 88 -50.64 5.39 18.44
CA HIS C 88 -49.30 5.68 18.95
C HIS C 88 -48.37 4.49 18.72
N GLN C 89 -47.12 4.77 18.35
CA GLN C 89 -46.17 3.71 17.99
C GLN C 89 -45.12 3.43 19.07
N SER C 90 -45.19 4.17 20.17
CA SER C 90 -44.32 3.91 21.31
C SER C 90 -44.91 4.55 22.54
N GLY C 91 -44.39 4.16 23.70
CA GLY C 91 -44.81 4.74 24.96
C GLY C 91 -44.51 6.23 25.02
N THR C 92 -43.35 6.63 24.48
CA THR C 92 -43.03 8.05 24.49
C THR C 92 -44.04 8.88 23.67
N GLU C 93 -44.41 8.37 22.49
CA GLU C 93 -45.45 9.03 21.69
C GLU C 93 -46.76 9.13 22.49
N ARG C 94 -47.15 8.02 23.13
CA ARG C 94 -48.39 7.99 23.92
C ARG C 94 -48.35 9.02 25.05
N LEU C 95 -47.19 9.16 25.72
CA LEU C 95 -47.05 10.15 26.77
C LEU C 95 -47.31 11.58 26.31
N ALA C 96 -47.02 11.86 25.04
CA ALA C 96 -47.23 13.23 24.54
C ALA C 96 -48.72 13.59 24.55
N GLU C 97 -49.57 12.63 24.21
CA GLU C 97 -51.01 12.85 24.29
C GLU C 97 -51.43 13.14 25.72
N VAL C 98 -50.88 12.39 26.68
CA VAL C 98 -51.18 12.63 28.09
C VAL C 98 -50.76 14.03 28.53
N VAL C 99 -49.58 14.44 28.08
CA VAL C 99 -49.02 15.73 28.49
C VAL C 99 -49.90 16.89 28.01
N GLU C 100 -50.51 16.72 26.84
CA GLU C 100 -51.38 17.75 26.30
C GLU C 100 -52.74 17.74 26.98
N LYS C 101 -53.28 16.55 27.24
CA LYS C 101 -54.57 16.43 27.93
C LYS C 101 -54.51 17.03 29.33
N CYS C 102 -53.36 16.88 29.98
CA CYS C 102 -53.19 17.38 31.34
C CYS C 102 -52.62 18.78 31.33
N ALA C 103 -52.35 19.30 30.13
CA ALA C 103 -51.77 20.62 29.97
C ALA C 103 -50.61 20.89 30.94
N PHE C 104 -49.67 19.95 31.07
CA PHE C 104 -48.50 20.16 31.91
C PHE C 104 -47.64 21.27 31.31
N SER C 105 -47.04 22.09 32.17
CA SER C 105 -46.09 23.09 31.68
C SER C 105 -44.83 22.40 31.16
N ASP C 106 -44.11 23.06 30.27
CA ASP C 106 -42.87 22.53 29.69
C ASP C 106 -41.86 22.04 30.72
N ASP C 107 -41.82 22.69 31.88
CA ASP C 107 -40.79 22.36 32.88
C ASP C 107 -41.17 21.20 33.81
N THR C 108 -42.38 20.67 33.68
CA THR C 108 -42.81 19.57 34.52
C THR C 108 -41.94 18.33 34.26
N VAL C 109 -41.38 17.77 35.32
CA VAL C 109 -40.55 16.58 35.23
C VAL C 109 -41.43 15.33 35.11
N ILE C 110 -41.28 14.60 34.02
CA ILE C 110 -42.06 13.38 33.77
C ILE C 110 -41.13 12.16 33.84
N VAL C 111 -41.55 11.12 34.55
CA VAL C 111 -40.82 9.86 34.47
C VAL C 111 -41.70 8.81 33.80
N ASN C 112 -41.27 8.34 32.63
CA ASN C 112 -41.88 7.20 31.96
C ASN C 112 -41.41 5.93 32.65
N VAL C 113 -42.29 5.31 33.41
CA VAL C 113 -42.00 3.97 33.94
C VAL C 113 -42.74 2.99 33.06
N GLN C 114 -42.01 2.27 32.20
CA GLN C 114 -42.69 1.39 31.24
C GLN C 114 -43.54 0.33 31.94
N GLY C 115 -44.65 -0.04 31.31
CA GLY C 115 -45.57 -1.02 31.87
C GLY C 115 -44.96 -2.42 31.94
N ASP C 116 -43.79 -2.60 31.36
CA ASP C 116 -43.12 -3.91 31.40
C ASP C 116 -42.05 -4.01 32.51
N GLU C 117 -42.09 -3.11 33.47
CA GLU C 117 -41.10 -3.09 34.55
C GLU C 117 -41.72 -3.22 35.95
N PRO C 118 -42.40 -4.35 36.21
CA PRO C 118 -43.13 -4.51 37.48
C PRO C 118 -42.22 -4.67 38.70
N MET C 119 -40.93 -4.93 38.51
CA MET C 119 -40.02 -5.06 39.65
C MET C 119 -39.08 -3.86 39.84
N ILE C 120 -39.23 -2.81 39.05
CA ILE C 120 -38.28 -1.71 39.14
C ILE C 120 -38.35 -1.02 40.52
N PRO C 121 -37.19 -0.85 41.17
CA PRO C 121 -37.22 -0.25 42.51
C PRO C 121 -37.66 1.20 42.55
N ALA C 122 -38.44 1.57 43.56
CA ALA C 122 -38.84 2.95 43.77
C ALA C 122 -37.63 3.90 43.79
N THR C 123 -36.50 3.43 44.34
N THR C 123 -36.50 3.45 44.34
CA THR C 123 -35.31 4.27 44.42
CA THR C 123 -35.34 4.34 44.41
C THR C 123 -34.79 4.63 43.03
C THR C 123 -34.73 4.63 43.03
N ILE C 124 -34.90 3.69 42.10
CA ILE C 124 -34.46 3.92 40.72
C ILE C 124 -35.35 4.96 40.03
N ILE C 125 -36.66 4.90 40.32
CA ILE C 125 -37.57 5.89 39.77
C ILE C 125 -37.18 7.30 40.24
N ARG C 126 -36.97 7.45 41.54
CA ARG C 126 -36.58 8.75 42.12
C ARG C 126 -35.25 9.21 41.54
N GLN C 127 -34.32 8.29 41.37
CA GLN C 127 -32.99 8.64 40.89
C GLN C 127 -33.01 9.22 39.47
N VAL C 128 -33.83 8.66 38.59
CA VAL C 128 -33.89 9.17 37.22
C VAL C 128 -34.45 10.60 37.19
N ALA C 129 -35.50 10.84 37.98
CA ALA C 129 -36.10 12.16 38.07
C ALA C 129 -35.08 13.18 38.59
N ASP C 130 -34.33 12.76 39.61
CA ASP C 130 -33.30 13.57 40.23
C ASP C 130 -32.17 13.88 39.25
N ASN C 131 -31.73 12.85 38.54
CA ASN C 131 -30.64 13.02 37.57
C ASN C 131 -31.02 13.96 36.44
N LEU C 132 -32.25 13.81 35.95
CA LEU C 132 -32.73 14.67 34.88
C LEU C 132 -32.72 16.13 35.32
N ALA C 133 -33.26 16.37 36.52
CA ALA C 133 -33.39 17.72 37.06
C ALA C 133 -32.05 18.39 37.31
N GLN C 134 -31.05 17.60 37.71
CA GLN C 134 -29.72 18.14 38.04
C GLN C 134 -28.83 18.35 36.82
N ARG C 135 -29.31 18.00 35.63
CA ARG C 135 -28.50 18.10 34.43
C ARG C 135 -29.18 18.95 33.35
N GLN C 136 -28.37 19.59 32.51
CA GLN C 136 -28.90 20.39 31.40
C GLN C 136 -29.34 19.50 30.24
N VAL C 137 -29.30 18.19 30.47
CA VAL C 137 -29.65 17.20 29.45
C VAL C 137 -31.17 17.09 29.29
N GLY C 138 -31.62 16.82 28.07
CA GLY C 138 -33.03 16.73 27.79
C GLY C 138 -33.67 15.42 28.23
N MET C 139 -32.86 14.37 28.37
CA MET C 139 -33.42 13.06 28.67
C MET C 139 -32.42 12.22 29.46
N ALA C 140 -32.93 11.51 30.48
CA ALA C 140 -32.07 10.71 31.34
C ALA C 140 -32.65 9.30 31.49
N THR C 141 -31.76 8.33 31.70
CA THR C 141 -32.20 6.95 31.89
C THR C 141 -31.15 6.23 32.72
N LEU C 142 -31.26 4.91 32.79
CA LEU C 142 -30.40 4.17 33.70
C LEU C 142 -30.14 2.79 33.14
N ALA C 143 -29.00 2.22 33.52
CA ALA C 143 -28.62 0.88 33.09
C ALA C 143 -27.96 0.11 34.25
N VAL C 144 -27.92 -1.22 34.14
CA VAL C 144 -27.37 -2.06 35.19
C VAL C 144 -26.36 -3.01 34.56
N PRO C 145 -25.26 -3.30 35.28
CA PRO C 145 -24.25 -4.19 34.71
C PRO C 145 -24.79 -5.61 34.55
N ILE C 146 -24.50 -6.21 33.41
CA ILE C 146 -24.89 -7.59 33.12
C ILE C 146 -23.74 -8.52 33.53
N HIS C 147 -24.04 -9.52 34.33
CA HIS C 147 -23.01 -10.47 34.75
C HIS C 147 -23.38 -11.89 34.42
N ASN C 148 -24.10 -12.08 33.32
CA ASN C 148 -24.37 -13.42 32.81
C ASN C 148 -24.43 -13.41 31.29
N ALA C 149 -23.97 -14.49 30.66
CA ALA C 149 -23.85 -14.53 29.20
C ALA C 149 -25.21 -14.59 28.50
N GLU C 150 -26.20 -15.17 29.16
CA GLU C 150 -27.54 -15.27 28.59
C GLU C 150 -28.11 -13.91 28.17
N GLU C 151 -28.16 -12.96 29.10
CA GLU C 151 -28.70 -11.64 28.82
C GLU C 151 -27.84 -10.86 27.83
N ALA C 152 -26.52 -11.05 27.88
CA ALA C 152 -25.65 -10.34 26.95
C ALA C 152 -25.97 -10.66 25.50
N PHE C 153 -26.39 -11.90 25.23
CA PHE C 153 -26.64 -12.35 23.86
C PHE C 153 -28.14 -12.44 23.50
N ASN C 154 -29.00 -11.99 24.39
CA ASN C 154 -30.46 -12.01 24.18
C ASN C 154 -30.95 -10.68 23.57
N PRO C 155 -31.45 -10.69 22.32
CA PRO C 155 -31.85 -9.41 21.70
C PRO C 155 -33.06 -8.73 22.37
N ASN C 156 -33.74 -9.44 23.27
CA ASN C 156 -34.79 -8.80 24.05
C ASN C 156 -34.23 -8.00 25.23
N ALA C 157 -32.95 -8.20 25.52
CA ALA C 157 -32.26 -7.38 26.52
C ALA C 157 -31.48 -6.29 25.79
N VAL C 158 -31.84 -5.03 26.02
CA VAL C 158 -31.25 -3.92 25.28
C VAL C 158 -29.94 -3.53 25.94
N LYS C 159 -28.86 -3.52 25.15
CA LYS C 159 -27.53 -3.15 25.61
C LYS C 159 -27.29 -1.67 25.31
N VAL C 160 -26.48 -1.03 26.14
CA VAL C 160 -26.12 0.36 25.85
C VAL C 160 -24.60 0.53 26.05
N VAL C 161 -24.00 1.39 25.22
CA VAL C 161 -22.59 1.71 25.33
C VAL C 161 -22.46 3.21 25.57
N LEU C 162 -21.64 3.60 26.55
CA LEU C 162 -21.59 4.99 27.01
C LEU C 162 -20.26 5.65 26.66
N ASP C 163 -20.27 6.99 26.58
CA ASP C 163 -19.01 7.74 26.47
C ASP C 163 -18.44 8.03 27.87
N ALA C 164 -17.31 8.72 27.94
CA ALA C 164 -16.62 8.97 29.20
C ALA C 164 -17.47 9.73 30.22
N GLU C 165 -18.39 10.53 29.72
CA GLU C 165 -19.23 11.36 30.60
C GLU C 165 -20.52 10.66 30.95
N GLY C 166 -20.73 9.47 30.38
CA GLY C 166 -21.95 8.71 30.66
C GLY C 166 -23.12 8.95 29.72
N TYR C 167 -22.93 9.73 28.66
CA TYR C 167 -23.96 9.85 27.63
C TYR C 167 -23.96 8.60 26.76
N ALA C 168 -25.13 8.19 26.29
CA ALA C 168 -25.21 7.01 25.44
C ALA C 168 -24.60 7.28 24.08
N LEU C 169 -23.72 6.40 23.63
CA LEU C 169 -23.26 6.42 22.23
C LEU C 169 -24.32 5.74 21.36
N TYR C 170 -24.85 4.61 21.85
CA TYR C 170 -25.81 3.84 21.06
C TYR C 170 -26.52 2.84 21.97
N PHE C 171 -27.76 2.51 21.64
CA PHE C 171 -28.53 1.44 22.32
C PHE C 171 -28.81 0.41 21.25
N SER C 172 -28.72 -0.87 21.58
CA SER C 172 -28.94 -1.88 20.55
C SER C 172 -29.37 -3.21 21.13
N ARG C 173 -30.08 -3.97 20.31
CA ARG C 173 -30.39 -5.34 20.65
C ARG C 173 -29.23 -6.26 20.31
N ALA C 174 -28.28 -5.77 19.52
CA ALA C 174 -27.04 -6.50 19.26
C ALA C 174 -26.13 -6.54 20.49
N THR C 175 -25.18 -7.47 20.49
CA THR C 175 -24.31 -7.65 21.64
C THR C 175 -23.17 -6.64 21.60
N ILE C 176 -23.40 -5.48 22.21
CA ILE C 176 -22.39 -4.41 22.19
C ILE C 176 -22.05 -4.04 23.62
N PRO C 177 -20.78 -3.69 23.88
CA PRO C 177 -19.66 -3.70 22.92
C PRO C 177 -19.20 -5.11 22.62
N TRP C 178 -18.93 -5.40 21.35
CA TRP C 178 -18.48 -6.74 20.95
C TRP C 178 -17.03 -6.97 21.39
N ASP C 179 -16.79 -8.08 22.07
CA ASP C 179 -15.43 -8.43 22.55
C ASP C 179 -14.74 -9.28 21.47
N ARG C 180 -13.93 -8.65 20.62
CA ARG C 180 -13.38 -9.35 19.47
C ARG C 180 -12.60 -10.61 19.84
N ASP C 181 -11.67 -10.49 20.78
CA ASP C 181 -10.78 -11.60 21.08
C ASP C 181 -11.47 -12.71 21.87
N ARG C 182 -12.30 -12.33 22.83
CA ARG C 182 -13.02 -13.32 23.63
C ARG C 182 -14.03 -14.07 22.77
N PHE C 183 -14.83 -13.34 22.01
CA PHE C 183 -15.91 -13.95 21.25
C PHE C 183 -15.41 -14.75 20.06
N ALA C 184 -14.22 -14.44 19.56
CA ALA C 184 -13.63 -15.22 18.49
C ALA C 184 -13.35 -16.65 18.96
N GLU C 185 -13.19 -16.82 20.27
CA GLU C 185 -12.92 -18.13 20.85
C GLU C 185 -14.18 -18.86 21.33
N GLY C 186 -15.25 -18.11 21.59
CA GLY C 186 -16.50 -18.70 22.05
C GLY C 186 -17.44 -17.68 22.68
N LEU C 187 -18.72 -18.03 22.79
CA LEU C 187 -19.73 -17.10 23.30
C LEU C 187 -20.23 -17.49 24.69
N GLU C 188 -19.48 -18.35 25.38
CA GLU C 188 -19.94 -18.92 26.65
C GLU C 188 -19.73 -17.99 27.85
N THR C 189 -18.79 -17.04 27.73
CA THR C 189 -18.48 -16.15 28.84
C THR C 189 -18.48 -14.69 28.37
N VAL C 190 -18.66 -13.77 29.31
CA VAL C 190 -18.61 -12.34 29.02
C VAL C 190 -17.76 -11.63 30.08
N GLY C 191 -17.12 -10.54 29.69
CA GLY C 191 -16.37 -9.72 30.63
C GLY C 191 -17.29 -8.84 31.45
N ASP C 192 -16.74 -7.77 32.03
CA ASP C 192 -17.52 -6.88 32.88
C ASP C 192 -17.90 -5.58 32.16
N ASN C 193 -18.08 -5.68 30.85
CA ASN C 193 -18.28 -4.48 30.03
C ASN C 193 -19.71 -4.26 29.54
N PHE C 194 -20.64 -5.14 29.91
CA PHE C 194 -22.01 -5.03 29.38
C PHE C 194 -22.97 -4.32 30.32
N LEU C 195 -23.85 -3.51 29.72
CA LEU C 195 -24.87 -2.76 30.47
C LEU C 195 -26.25 -3.05 29.88
N ARG C 196 -27.20 -3.42 30.74
CA ARG C 196 -28.60 -3.62 30.34
C ARG C 196 -29.37 -2.33 30.59
N HIS C 197 -30.01 -1.82 29.55
CA HIS C 197 -30.83 -0.62 29.68
C HIS C 197 -32.17 -0.94 30.35
N LEU C 198 -32.53 -0.18 31.37
CA LEU C 198 -33.82 -0.34 32.05
C LEU C 198 -34.93 0.47 31.36
N GLY C 199 -36.16 -0.03 31.40
CA GLY C 199 -37.28 0.64 30.75
C GLY C 199 -37.84 1.81 31.52
N ILE C 200 -37.03 2.84 31.72
CA ILE C 200 -37.45 4.01 32.47
C ILE C 200 -36.79 5.25 31.86
N TYR C 201 -37.56 6.31 31.67
CA TYR C 201 -37.00 7.53 31.09
C TYR C 201 -37.43 8.75 31.91
N GLY C 202 -36.51 9.68 32.09
CA GLY C 202 -36.85 10.97 32.67
C GLY C 202 -36.74 12.02 31.59
N TYR C 203 -37.79 12.81 31.43
CA TYR C 203 -37.72 13.97 30.52
C TYR C 203 -38.76 15.00 30.92
N ARG C 204 -38.48 16.28 30.71
CA ARG C 204 -39.46 17.30 31.00
CA ARG C 204 -39.44 17.32 30.98
C ARG C 204 -40.54 17.26 29.93
N ALA C 205 -41.72 17.78 30.26
CA ALA C 205 -42.84 17.77 29.31
C ALA C 205 -42.45 18.47 28.00
N GLY C 206 -41.65 19.52 28.10
CA GLY C 206 -41.22 20.26 26.93
C GLY C 206 -40.39 19.39 26.00
N PHE C 207 -39.60 18.47 26.55
CA PHE C 207 -38.84 17.55 25.71
C PHE C 207 -39.73 16.52 25.05
N ILE C 208 -40.73 16.02 25.79
CA ILE C 208 -41.68 15.11 25.18
C ILE C 208 -42.36 15.77 23.98
N ARG C 209 -42.67 17.06 24.11
CA ARG C 209 -43.27 17.81 23.01
C ARG C 209 -42.30 17.89 21.84
N ARG C 210 -41.04 18.12 22.14
CA ARG C 210 -40.01 18.16 21.10
C ARG C 210 -39.89 16.81 20.39
N TYR C 211 -39.90 15.72 21.17
CA TYR C 211 -39.78 14.38 20.61
C TYR C 211 -40.82 14.09 19.52
N VAL C 212 -42.09 14.42 19.78
CA VAL C 212 -43.12 14.16 18.78
C VAL C 212 -43.20 15.21 17.66
N ASN C 213 -42.48 16.32 17.81
CA ASN C 213 -42.33 17.25 16.69
C ASN C 213 -41.34 16.77 15.63
N TRP C 214 -40.54 15.77 15.98
CA TRP C 214 -39.61 15.18 15.00
C TRP C 214 -40.32 14.13 14.19
N GLN C 215 -40.12 14.13 12.88
CA GLN C 215 -40.51 12.98 12.06
C GLN C 215 -39.82 11.72 12.59
N PRO C 216 -40.50 10.58 12.51
CA PRO C 216 -39.88 9.33 12.99
C PRO C 216 -38.57 9.04 12.25
N SER C 217 -37.57 8.54 12.97
CA SER C 217 -36.33 8.12 12.36
C SER C 217 -36.43 6.72 11.77
N PRO C 218 -35.67 6.45 10.71
CA PRO C 218 -35.63 5.07 10.18
C PRO C 218 -35.04 4.13 11.22
N LEU C 219 -34.07 4.64 11.97
CA LEU C 219 -33.32 3.83 12.92
C LEU C 219 -34.18 3.25 14.03
N GLU C 220 -35.09 4.06 14.58
CA GLU C 220 -35.97 3.57 15.65
C GLU C 220 -36.84 2.40 15.21
N HIS C 221 -37.20 2.35 13.93
CA HIS C 221 -38.08 1.28 13.44
C HIS C 221 -37.32 -0.02 13.21
N ILE C 222 -36.05 0.08 12.86
CA ILE C 222 -35.25 -1.12 12.60
C ILE C 222 -34.99 -1.86 13.91
N GLU C 223 -34.48 -1.14 14.91
CA GLU C 223 -34.17 -1.74 16.20
C GLU C 223 -35.42 -1.90 17.06
N MET C 224 -36.48 -1.16 16.72
CA MET C 224 -37.66 -1.07 17.60
C MET C 224 -37.27 -0.57 19.00
N LEU C 225 -36.52 0.55 19.00
CA LEU C 225 -36.08 1.20 20.21
C LEU C 225 -36.40 2.69 20.08
N GLU C 226 -37.39 3.16 20.82
CA GLU C 226 -37.88 4.53 20.64
C GLU C 226 -36.85 5.61 20.97
N GLN C 227 -35.93 5.29 21.89
CA GLN C 227 -34.94 6.26 22.32
C GLN C 227 -33.95 6.62 21.21
N LEU C 228 -33.87 5.77 20.19
CA LEU C 228 -32.94 6.04 19.10
C LEU C 228 -33.33 7.26 18.26
N ARG C 229 -34.59 7.68 18.32
CA ARG C 229 -34.97 8.91 17.63
C ARG C 229 -34.14 10.10 18.15
N VAL C 230 -33.90 10.12 19.45
CA VAL C 230 -33.17 11.21 20.08
C VAL C 230 -31.71 11.27 19.57
N LEU C 231 -31.04 10.13 19.55
N LEU C 231 -31.03 10.13 19.58
CA LEU C 231 -29.67 10.06 19.05
CA LEU C 231 -29.66 10.04 19.06
C LEU C 231 -29.59 10.34 17.56
C LEU C 231 -29.60 10.36 17.56
N TRP C 232 -30.59 9.88 16.81
CA TRP C 232 -30.65 10.14 15.37
C TRP C 232 -30.63 11.64 15.08
N TYR C 233 -31.40 12.40 15.87
CA TYR C 233 -31.46 13.85 15.68
C TYR C 233 -30.38 14.62 16.45
N GLY C 234 -29.38 13.88 16.93
CA GLY C 234 -28.17 14.50 17.44
C GLY C 234 -28.25 15.06 18.84
N GLU C 235 -29.21 14.61 19.62
CA GLU C 235 -29.32 15.07 21.00
C GLU C 235 -28.91 14.01 21.99
N LYS C 236 -28.54 14.43 23.18
CA LYS C 236 -27.90 13.51 24.15
C LYS C 236 -28.90 12.84 25.08
N ILE C 237 -28.55 11.62 25.47
CA ILE C 237 -29.24 10.94 26.57
C ILE C 237 -28.22 10.57 27.63
N HIS C 238 -28.39 11.04 28.86
CA HIS C 238 -27.48 10.63 29.91
C HIS C 238 -27.93 9.33 30.57
N VAL C 239 -26.99 8.43 30.83
CA VAL C 239 -27.27 7.11 31.40
C VAL C 239 -26.52 6.91 32.72
N ALA C 240 -27.25 6.90 33.82
CA ALA C 240 -26.67 6.59 35.11
C ALA C 240 -26.53 5.08 35.19
N VAL C 241 -25.51 4.59 35.90
CA VAL C 241 -25.38 3.15 36.08
C VAL C 241 -25.67 2.79 37.54
N ALA C 242 -26.62 1.88 37.75
CA ALA C 242 -26.88 1.38 39.10
C ALA C 242 -26.26 0.00 39.19
N GLN C 243 -25.50 -0.25 40.25
CA GLN C 243 -24.74 -1.49 40.35
C GLN C 243 -25.64 -2.72 40.59
N GLU C 244 -26.73 -2.52 41.33
CA GLU C 244 -27.61 -3.64 41.67
C GLU C 244 -29.10 -3.29 41.46
N VAL C 245 -29.77 -4.04 40.58
CA VAL C 245 -31.20 -3.83 40.30
C VAL C 245 -31.88 -5.19 40.12
N PRO C 246 -32.92 -5.49 40.92
CA PRO C 246 -33.55 -6.82 40.88
C PRO C 246 -34.47 -6.99 39.67
N GLY C 247 -34.77 -8.24 39.33
CA GLY C 247 -35.79 -8.51 38.33
C GLY C 247 -35.32 -8.29 36.90
N THR C 248 -36.31 -8.19 36.01
CA THR C 248 -36.05 -8.02 34.59
C THR C 248 -37.30 -7.40 33.96
N GLY C 249 -37.17 -6.90 32.74
CA GLY C 249 -38.32 -6.39 32.01
C GLY C 249 -39.13 -7.56 31.50
N VAL C 250 -40.45 -7.38 31.41
CA VAL C 250 -41.30 -8.49 31.00
C VAL C 250 -41.74 -8.31 29.54
N ASP C 251 -41.02 -8.96 28.63
CA ASP C 251 -41.29 -8.81 27.19
C ASP C 251 -41.66 -10.12 26.52
N THR C 252 -41.29 -11.24 27.15
CA THR C 252 -41.51 -12.56 26.57
C THR C 252 -42.14 -13.49 27.58
N PRO C 253 -42.68 -14.62 27.10
CA PRO C 253 -43.20 -15.65 28.01
C PRO C 253 -42.16 -16.11 29.03
N GLU C 254 -40.90 -16.23 28.62
CA GLU C 254 -39.83 -16.63 29.54
C GLU C 254 -39.57 -15.59 30.64
N ASP C 255 -39.62 -14.31 30.28
CA ASP C 255 -39.52 -13.24 31.28
C ASP C 255 -40.67 -13.37 32.27
N LEU C 256 -41.85 -13.69 31.75
CA LEU C 256 -43.05 -13.75 32.60
C LEU C 256 -42.89 -14.88 33.63
N GLU C 257 -42.40 -16.03 33.18
CA GLU C 257 -42.16 -17.14 34.11
C GLU C 257 -41.15 -16.76 35.18
N ARG C 258 -40.13 -16.03 34.78
CA ARG C 258 -39.09 -15.62 35.71
C ARG C 258 -39.60 -14.64 36.76
N VAL C 259 -40.31 -13.61 36.34
CA VAL C 259 -40.85 -12.66 37.29
C VAL C 259 -41.92 -13.31 38.19
N ARG C 260 -42.70 -14.23 37.63
CA ARG C 260 -43.67 -14.95 38.46
C ARG C 260 -42.94 -15.73 39.56
N ALA C 261 -41.83 -16.33 39.22
CA ALA C 261 -41.04 -17.09 40.19
C ALA C 261 -40.40 -16.19 41.26
N GLU C 262 -40.01 -14.98 40.87
CA GLU C 262 -39.17 -14.13 41.73
C GLU C 262 -39.91 -13.02 42.49
N MET C 263 -41.07 -12.59 41.99
CA MET C 263 -41.77 -11.49 42.65
C MET C 263 -42.31 -11.95 44.01
N SER D 18 -1.78 17.01 -31.19
CA SER D 18 -1.74 15.65 -30.68
C SER D 18 -0.64 15.43 -29.64
N PHE D 19 0.29 16.37 -29.50
CA PHE D 19 1.25 16.30 -28.41
C PHE D 19 1.80 17.66 -27.97
N VAL D 20 2.30 17.71 -26.74
CA VAL D 20 2.87 18.93 -26.16
C VAL D 20 4.39 18.77 -26.06
N VAL D 21 5.13 19.77 -26.52
CA VAL D 21 6.58 19.76 -26.32
C VAL D 21 6.91 20.63 -25.13
N ILE D 22 7.70 20.09 -24.21
CA ILE D 22 8.25 20.90 -23.13
C ILE D 22 9.76 20.79 -23.18
N ILE D 23 10.44 21.94 -23.23
CA ILE D 23 11.90 21.98 -23.29
C ILE D 23 12.44 22.48 -21.95
N PRO D 24 13.08 21.58 -21.20
CA PRO D 24 13.67 22.00 -19.92
C PRO D 24 15.01 22.68 -20.16
N ALA D 25 15.20 23.85 -19.58
CA ALA D 25 16.43 24.60 -19.82
C ALA D 25 16.84 25.42 -18.61
N ARG D 26 17.50 24.79 -17.65
CA ARG D 26 18.03 25.49 -16.50
C ARG D 26 19.29 26.23 -16.90
N TYR D 27 19.61 27.30 -16.17
CA TYR D 27 20.75 28.12 -16.55
C TYR D 27 22.11 27.52 -16.17
N ALA D 28 22.22 26.98 -14.96
CA ALA D 28 23.52 26.63 -14.39
C ALA D 28 24.04 25.22 -14.73
N SER D 29 24.27 24.97 -16.00
CA SER D 29 24.96 23.74 -16.42
C SER D 29 26.40 23.78 -15.94
N THR D 30 26.94 22.62 -15.59
CA THR D 30 28.28 22.56 -15.03
C THR D 30 29.35 22.36 -16.09
N ARG D 31 29.06 21.60 -17.14
CA ARG D 31 30.06 21.32 -18.17
C ARG D 31 30.16 22.46 -19.20
N LEU D 32 29.09 23.24 -19.30
CA LEU D 32 29.05 24.41 -20.18
C LEU D 32 28.13 25.46 -19.54
N PRO D 33 28.68 26.29 -18.65
CA PRO D 33 27.88 27.26 -17.89
C PRO D 33 26.98 28.15 -18.75
N GLY D 34 25.75 28.37 -18.28
CA GLY D 34 24.78 29.24 -18.94
C GLY D 34 24.39 28.81 -20.35
N LYS D 35 24.46 27.51 -20.63
CA LYS D 35 24.35 27.05 -22.02
C LYS D 35 23.05 27.37 -22.79
N PRO D 36 21.91 27.56 -22.09
CA PRO D 36 20.74 27.85 -22.94
C PRO D 36 20.93 29.17 -23.69
N LEU D 37 21.81 30.03 -23.16
CA LEU D 37 22.03 31.33 -23.77
C LEU D 37 23.28 31.42 -24.63
N VAL D 38 24.05 30.34 -24.78
CA VAL D 38 25.25 30.45 -25.61
C VAL D 38 24.88 30.78 -27.06
N ASP D 39 25.66 31.65 -27.67
CA ASP D 39 25.39 32.07 -29.05
C ASP D 39 25.73 30.97 -30.04
N ILE D 40 24.78 30.60 -30.87
CA ILE D 40 25.06 29.71 -32.00
C ILE D 40 24.69 30.44 -33.28
N ASN D 41 25.70 31.04 -33.91
CA ASN D 41 25.51 31.74 -35.18
C ASN D 41 24.37 32.76 -35.19
N GLY D 42 24.27 33.56 -34.13
CA GLY D 42 23.36 34.68 -34.12
C GLY D 42 22.10 34.51 -33.30
N LYS D 43 21.85 33.28 -32.82
CA LYS D 43 20.70 33.02 -31.94
C LYS D 43 21.13 32.14 -30.78
N PRO D 44 20.57 32.35 -29.58
CA PRO D 44 20.96 31.51 -28.45
C PRO D 44 20.46 30.06 -28.63
N MET D 45 21.17 29.10 -28.05
CA MET D 45 20.84 27.69 -28.21
C MET D 45 19.35 27.41 -27.94
N ILE D 46 18.82 27.98 -26.87
CA ILE D 46 17.42 27.68 -26.51
C ILE D 46 16.46 28.09 -27.63
N VAL D 47 16.77 29.15 -28.36
CA VAL D 47 15.91 29.57 -29.46
C VAL D 47 15.99 28.60 -30.65
N HIS D 48 17.17 28.04 -30.90
CA HIS D 48 17.28 26.99 -31.91
C HIS D 48 16.41 25.77 -31.57
N VAL D 49 16.44 25.34 -30.31
CA VAL D 49 15.63 24.17 -29.89
C VAL D 49 14.14 24.49 -30.09
N LEU D 50 13.73 25.69 -29.68
CA LEU D 50 12.36 26.15 -29.92
C LEU D 50 12.00 26.03 -31.42
N GLU D 51 12.91 26.44 -32.29
CA GLU D 51 12.64 26.34 -33.74
C GLU D 51 12.45 24.88 -34.20
N ARG D 52 13.27 23.97 -33.69
CA ARG D 52 13.05 22.55 -33.98
C ARG D 52 11.67 22.10 -33.49
N ALA D 53 11.28 22.55 -32.30
CA ALA D 53 9.97 22.15 -31.76
C ALA D 53 8.83 22.68 -32.61
N ARG D 54 8.98 23.91 -33.12
CA ARG D 54 7.95 24.48 -33.98
C ARG D 54 7.81 23.68 -35.27
N GLU D 55 8.94 23.24 -35.82
CA GLU D 55 8.93 22.48 -37.06
C GLU D 55 8.23 21.12 -36.91
N SER D 56 8.13 20.63 -35.68
CA SER D 56 7.52 19.32 -35.43
C SER D 56 6.00 19.36 -35.53
N GLY D 57 5.41 20.54 -35.44
CA GLY D 57 3.97 20.68 -35.53
C GLY D 57 3.24 20.51 -34.21
N ALA D 58 3.99 20.41 -33.13
CA ALA D 58 3.43 20.30 -31.78
C ALA D 58 2.31 21.30 -31.56
N GLU D 59 1.27 20.89 -30.84
CA GLU D 59 0.11 21.73 -30.57
C GLU D 59 0.45 22.85 -29.59
N ARG D 60 1.41 22.58 -28.70
CA ARG D 60 1.81 23.55 -27.70
C ARG D 60 3.27 23.31 -27.35
N ILE D 61 4.02 24.40 -27.20
CA ILE D 61 5.44 24.32 -26.93
C ILE D 61 5.81 25.23 -25.76
N ILE D 62 6.39 24.65 -24.72
CA ILE D 62 6.71 25.39 -23.50
C ILE D 62 8.18 25.24 -23.16
N VAL D 63 8.87 26.35 -22.92
CA VAL D 63 10.21 26.27 -22.36
C VAL D 63 10.15 26.39 -20.85
N ALA D 64 10.66 25.38 -20.15
CA ALA D 64 10.66 25.38 -18.69
C ALA D 64 12.02 25.81 -18.20
N THR D 65 12.09 26.95 -17.51
CA THR D 65 13.37 27.45 -17.05
C THR D 65 13.32 27.97 -15.62
N ASP D 66 14.49 28.20 -15.04
CA ASP D 66 14.59 28.73 -13.68
C ASP D 66 15.24 30.11 -13.68
N HIS D 67 15.39 30.71 -14.86
CA HIS D 67 16.23 31.91 -14.96
C HIS D 67 15.58 32.98 -15.85
N GLU D 68 15.53 34.21 -15.35
CA GLU D 68 14.82 35.26 -16.07
C GLU D 68 15.39 35.58 -17.45
N ASP D 69 16.71 35.50 -17.59
CA ASP D 69 17.34 35.81 -18.88
C ASP D 69 17.04 34.74 -19.94
N VAL D 70 16.88 33.50 -19.50
CA VAL D 70 16.42 32.46 -20.43
C VAL D 70 14.99 32.76 -20.83
N ALA D 71 14.16 33.10 -19.84
CA ALA D 71 12.77 33.44 -20.12
C ALA D 71 12.67 34.58 -21.18
N ARG D 72 13.47 35.61 -20.98
CA ARG D 72 13.43 36.76 -21.90
C ARG D 72 13.83 36.39 -23.33
N ALA D 73 14.86 35.55 -23.48
CA ALA D 73 15.29 35.16 -24.82
C ALA D 73 14.19 34.43 -25.55
N VAL D 74 13.48 33.56 -24.82
CA VAL D 74 12.41 32.77 -25.41
C VAL D 74 11.21 33.66 -25.75
N GLU D 75 10.83 34.52 -24.82
CA GLU D 75 9.71 35.42 -25.07
C GLU D 75 10.00 36.37 -26.23
N ALA D 76 11.24 36.83 -26.34
CA ALA D 76 11.59 37.73 -27.44
C ALA D 76 11.45 37.00 -28.78
N ALA D 77 11.52 35.67 -28.74
CA ALA D 77 11.36 34.87 -29.96
C ALA D 77 9.93 34.40 -30.15
N GLY D 78 9.03 34.89 -29.30
CA GLY D 78 7.62 34.56 -29.42
C GLY D 78 7.21 33.24 -28.77
N GLY D 79 8.05 32.69 -27.90
CA GLY D 79 7.78 31.39 -27.32
C GLY D 79 7.16 31.47 -25.93
N GLU D 80 6.46 30.41 -25.54
CA GLU D 80 5.86 30.34 -24.21
C GLU D 80 6.86 29.83 -23.16
N VAL D 81 6.84 30.46 -21.99
CA VAL D 81 7.76 30.11 -20.91
C VAL D 81 7.00 29.72 -19.64
N CYS D 82 7.50 28.70 -18.95
CA CYS D 82 7.00 28.39 -17.60
C CYS D 82 8.16 28.46 -16.61
N MET D 83 8.08 29.39 -15.66
CA MET D 83 9.11 29.49 -14.63
C MET D 83 8.96 28.29 -13.71
N THR D 84 10.07 27.75 -13.23
CA THR D 84 10.03 26.54 -12.42
C THR D 84 11.06 26.65 -11.31
N ARG D 85 10.96 25.77 -10.33
CA ARG D 85 11.86 25.83 -9.18
C ARG D 85 13.31 25.59 -9.55
N ALA D 86 14.20 26.25 -8.82
CA ALA D 86 15.63 26.07 -9.02
C ALA D 86 16.13 24.73 -8.50
N ASP D 87 15.34 24.04 -7.66
CA ASP D 87 15.89 22.88 -6.99
C ASP D 87 15.66 21.55 -7.71
N HIS D 88 14.98 21.58 -8.85
CA HIS D 88 14.83 20.38 -9.66
C HIS D 88 16.19 19.82 -10.06
N GLN D 89 16.33 18.49 -10.08
CA GLN D 89 17.63 17.87 -10.32
C GLN D 89 17.76 17.25 -11.72
N SER D 90 16.70 17.33 -12.50
CA SER D 90 16.77 16.91 -13.90
C SER D 90 15.64 17.56 -14.68
N GLY D 91 15.76 17.50 -16.00
CA GLY D 91 14.71 18.00 -16.87
C GLY D 91 13.37 17.30 -16.65
N THR D 92 13.41 15.99 -16.43
CA THR D 92 12.17 15.25 -16.21
C THR D 92 11.46 15.74 -14.93
N GLU D 93 12.22 15.94 -13.87
CA GLU D 93 11.65 16.48 -12.62
C GLU D 93 11.02 17.86 -12.90
N ARG D 94 11.75 18.70 -13.62
CA ARG D 94 11.25 20.04 -13.94
C ARG D 94 9.94 19.98 -14.73
N LEU D 95 9.83 19.02 -15.64
CA LEU D 95 8.61 18.86 -16.43
C LEU D 95 7.39 18.55 -15.58
N ALA D 96 7.60 17.89 -14.44
CA ALA D 96 6.46 17.55 -13.57
C ALA D 96 5.82 18.82 -13.00
N GLU D 97 6.64 19.80 -12.67
CA GLU D 97 6.09 21.08 -12.20
C GLU D 97 5.26 21.74 -13.30
N VAL D 98 5.77 21.70 -14.53
CA VAL D 98 5.03 22.24 -15.66
C VAL D 98 3.69 21.53 -15.88
N VAL D 99 3.70 20.21 -15.73
CA VAL D 99 2.51 19.40 -15.96
C VAL D 99 1.41 19.74 -14.93
N GLU D 100 1.83 20.02 -13.70
CA GLU D 100 0.87 20.39 -12.66
C GLU D 100 0.33 21.81 -12.89
N LYS D 101 1.22 22.75 -13.20
CA LYS D 101 0.81 24.13 -13.43
C LYS D 101 -0.12 24.28 -14.63
N CYS D 102 0.05 23.45 -15.65
CA CYS D 102 -0.83 23.47 -16.81
C CYS D 102 -2.01 22.53 -16.63
N ALA D 103 -2.01 21.81 -15.50
CA ALA D 103 -3.06 20.83 -15.20
C ALA D 103 -3.38 19.92 -16.39
N PHE D 104 -2.36 19.40 -17.06
CA PHE D 104 -2.57 18.45 -18.17
C PHE D 104 -3.21 17.18 -17.63
N SER D 105 -4.11 16.59 -18.41
CA SER D 105 -4.66 15.29 -18.03
C SER D 105 -3.57 14.23 -18.12
N ASP D 106 -3.76 13.12 -17.42
CA ASP D 106 -2.81 12.01 -17.41
C ASP D 106 -2.46 11.45 -18.79
N ASP D 107 -3.41 11.46 -19.71
CA ASP D 107 -3.17 10.87 -21.03
C ASP D 107 -2.54 11.82 -22.05
N THR D 108 -2.29 13.06 -21.64
CA THR D 108 -1.66 14.02 -22.55
C THR D 108 -0.25 13.53 -22.89
N VAL D 109 0.04 13.44 -24.19
CA VAL D 109 1.36 13.01 -24.65
C VAL D 109 2.34 14.18 -24.59
N ILE D 110 3.42 13.99 -23.83
CA ILE D 110 4.44 15.03 -23.66
C ILE D 110 5.74 14.56 -24.33
N VAL D 111 6.38 15.44 -25.09
CA VAL D 111 7.72 15.14 -25.58
C VAL D 111 8.71 16.11 -24.93
N ASN D 112 9.62 15.56 -24.13
CA ASN D 112 10.75 16.32 -23.59
C ASN D 112 11.79 16.45 -24.69
N VAL D 113 11.93 17.64 -25.26
CA VAL D 113 13.05 17.90 -26.17
C VAL D 113 14.08 18.65 -25.37
N GLN D 114 15.19 18.00 -25.02
CA GLN D 114 16.14 18.64 -24.13
C GLN D 114 16.71 19.92 -24.74
N GLY D 115 16.99 20.90 -23.90
CA GLY D 115 17.54 22.18 -24.35
C GLY D 115 18.93 22.07 -24.94
N ASP D 116 19.55 20.90 -24.84
CA ASP D 116 20.88 20.68 -25.41
C ASP D 116 20.85 20.02 -26.80
N GLU D 117 19.69 20.01 -27.45
CA GLU D 117 19.54 19.37 -28.76
C GLU D 117 19.09 20.32 -29.87
N PRO D 118 19.90 21.36 -30.16
CA PRO D 118 19.47 22.39 -31.12
C PRO D 118 19.39 21.90 -32.58
N MET D 119 19.97 20.74 -32.88
CA MET D 119 19.93 20.23 -34.26
C MET D 119 18.97 19.06 -34.46
N ILE D 120 18.20 18.70 -33.44
CA ILE D 120 17.36 17.51 -33.57
C ILE D 120 16.26 17.72 -34.60
N PRO D 121 16.15 16.77 -35.56
CA PRO D 121 15.14 16.93 -36.62
C PRO D 121 13.69 16.90 -36.11
N ALA D 122 12.85 17.74 -36.68
CA ALA D 122 11.42 17.73 -36.40
C ALA D 122 10.83 16.32 -36.59
N THR D 123 11.30 15.58 -37.60
CA THR D 123 10.79 14.24 -37.86
CA THR D 123 10.77 14.24 -37.85
C THR D 123 11.03 13.30 -36.67
N ILE D 124 12.16 13.48 -36.00
CA ILE D 124 12.48 12.67 -34.83
C ILE D 124 11.57 13.01 -33.65
N ILE D 125 11.26 14.28 -33.49
CA ILE D 125 10.34 14.70 -32.43
C ILE D 125 8.98 14.04 -32.64
N ARG D 126 8.45 14.13 -33.86
CA ARG D 126 7.17 13.51 -34.18
C ARG D 126 7.21 12.01 -33.99
N GLN D 127 8.31 11.40 -34.40
CA GLN D 127 8.43 9.94 -34.31
C GLN D 127 8.35 9.43 -32.88
N VAL D 128 8.98 10.14 -31.94
CA VAL D 128 8.96 9.69 -30.54
C VAL D 128 7.54 9.77 -29.97
N ALA D 129 6.83 10.86 -30.29
CA ALA D 129 5.44 11.02 -29.86
C ALA D 129 4.56 9.89 -30.39
N ASP D 130 4.74 9.58 -31.68
CA ASP D 130 3.98 8.53 -32.34
C ASP D 130 4.29 7.14 -31.77
N ASN D 131 5.57 6.87 -31.55
CA ASN D 131 6.01 5.61 -30.98
C ASN D 131 5.42 5.39 -29.58
N LEU D 132 5.45 6.44 -28.77
CA LEU D 132 4.90 6.38 -27.42
C LEU D 132 3.41 6.03 -27.48
N ALA D 133 2.68 6.73 -28.34
CA ALA D 133 1.23 6.57 -28.44
C ALA D 133 0.83 5.17 -28.90
N GLN D 134 1.61 4.59 -29.82
CA GLN D 134 1.29 3.29 -30.40
C GLN D 134 1.70 2.11 -29.53
N ARG D 135 2.40 2.36 -28.42
CA ARG D 135 2.87 1.29 -27.56
C ARG D 135 2.32 1.39 -26.13
N GLN D 136 2.14 0.26 -25.47
CA GLN D 136 1.64 0.22 -24.10
C GLN D 136 2.71 0.68 -23.10
N VAL D 137 3.90 0.96 -23.62
CA VAL D 137 5.04 1.37 -22.81
C VAL D 137 4.85 2.77 -22.22
N GLY D 138 5.41 2.98 -21.03
CA GLY D 138 5.30 4.25 -20.33
C GLY D 138 6.21 5.35 -20.87
N MET D 139 7.31 4.96 -21.49
CA MET D 139 8.31 5.95 -21.92
C MET D 139 9.02 5.47 -23.18
N ALA D 140 9.21 6.40 -24.12
CA ALA D 140 9.84 6.07 -25.40
C ALA D 140 10.97 7.05 -25.68
N THR D 141 11.99 6.60 -26.39
CA THR D 141 13.10 7.47 -26.75
C THR D 141 13.71 6.94 -28.04
N LEU D 142 14.87 7.48 -28.42
CA LEU D 142 15.44 7.13 -29.71
C LEU D 142 16.96 7.16 -29.61
N ALA D 143 17.61 6.38 -30.47
CA ALA D 143 19.06 6.34 -30.53
C ALA D 143 19.54 6.25 -31.99
N VAL D 144 20.79 6.59 -32.24
CA VAL D 144 21.33 6.59 -33.61
C VAL D 144 22.64 5.80 -33.61
N PRO D 145 22.90 5.03 -34.69
CA PRO D 145 24.14 4.25 -34.73
C PRO D 145 25.35 5.14 -34.73
N ILE D 146 26.36 4.76 -33.94
CA ILE D 146 27.63 5.47 -33.90
C ILE D 146 28.61 4.80 -34.88
N HIS D 147 29.21 5.60 -35.75
CA HIS D 147 30.15 5.07 -36.72
C HIS D 147 31.52 5.74 -36.63
N ASN D 148 31.91 6.17 -35.43
CA ASN D 148 33.25 6.69 -35.21
C ASN D 148 33.72 6.38 -33.80
N ALA D 149 35.01 6.11 -33.63
CA ALA D 149 35.52 5.64 -32.34
C ALA D 149 35.53 6.71 -31.25
N GLU D 150 35.63 7.97 -31.67
CA GLU D 150 35.64 9.08 -30.72
C GLU D 150 34.37 9.15 -29.86
N GLU D 151 33.20 9.11 -30.52
CA GLU D 151 31.93 9.17 -29.81
C GLU D 151 31.74 7.91 -28.94
N ALA D 152 32.17 6.76 -29.44
CA ALA D 152 32.02 5.51 -28.68
C ALA D 152 32.75 5.55 -27.35
N PHE D 153 33.89 6.25 -27.30
CA PHE D 153 34.70 6.28 -26.09
C PHE D 153 34.57 7.57 -25.29
N ASN D 154 33.67 8.45 -25.72
CA ASN D 154 33.43 9.73 -25.05
C ASN D 154 32.29 9.62 -24.02
N PRO D 155 32.59 9.79 -22.72
CA PRO D 155 31.55 9.63 -21.68
C PRO D 155 30.44 10.68 -21.73
N ASN D 156 30.65 11.75 -22.49
CA ASN D 156 29.58 12.71 -22.70
C ASN D 156 28.60 12.24 -23.78
N ALA D 157 28.96 11.18 -24.49
CA ALA D 157 28.03 10.55 -25.43
C ALA D 157 27.45 9.32 -24.74
N VAL D 158 26.14 9.33 -24.51
CA VAL D 158 25.49 8.27 -23.76
C VAL D 158 25.21 7.10 -24.69
N LYS D 159 25.68 5.91 -24.31
CA LYS D 159 25.45 4.71 -25.08
C LYS D 159 24.26 3.94 -24.51
N VAL D 160 23.57 3.19 -25.36
CA VAL D 160 22.47 2.37 -24.87
C VAL D 160 22.57 0.99 -25.53
N VAL D 161 22.19 -0.04 -24.78
CA VAL D 161 22.17 -1.41 -25.28
C VAL D 161 20.73 -1.90 -25.15
N LEU D 162 20.22 -2.54 -26.21
CA LEU D 162 18.81 -2.90 -26.29
C LEU D 162 18.61 -4.42 -26.24
N ASP D 163 17.42 -4.83 -25.83
CA ASP D 163 17.03 -6.23 -25.97
C ASP D 163 16.42 -6.50 -27.37
N ALA D 164 15.99 -7.73 -27.61
CA ALA D 164 15.51 -8.12 -28.94
C ALA D 164 14.30 -7.32 -29.39
N GLU D 165 13.49 -6.86 -28.45
CA GLU D 165 12.28 -6.11 -28.76
C GLU D 165 12.52 -4.60 -28.82
N GLY D 166 13.76 -4.18 -28.56
CA GLY D 166 14.09 -2.77 -28.61
C GLY D 166 13.96 -2.00 -27.29
N TYR D 167 13.65 -2.69 -26.21
CA TYR D 167 13.63 -2.05 -24.90
C TYR D 167 15.07 -1.88 -24.40
N ALA D 168 15.34 -0.79 -23.69
CA ALA D 168 16.68 -0.56 -23.16
C ALA D 168 17.01 -1.56 -22.06
N LEU D 169 18.17 -2.20 -22.17
CA LEU D 169 18.69 -2.96 -21.04
C LEU D 169 19.37 -2.00 -20.06
N TYR D 170 20.14 -1.06 -20.61
CA TYR D 170 20.91 -0.14 -19.77
C TYR D 170 21.38 1.04 -20.62
N PHE D 171 21.54 2.20 -19.98
CA PHE D 171 22.12 3.39 -20.63
C PHE D 171 23.36 3.71 -19.84
N SER D 172 24.44 4.08 -20.50
CA SER D 172 25.65 4.33 -19.74
C SER D 172 26.59 5.28 -20.44
N ARG D 173 27.41 5.95 -19.65
CA ARG D 173 28.49 6.77 -20.20
C ARG D 173 29.70 5.90 -20.49
N ALA D 174 29.67 4.68 -19.99
CA ALA D 174 30.72 3.71 -20.30
C ALA D 174 30.56 3.19 -21.74
N THR D 175 31.61 2.60 -22.27
CA THR D 175 31.60 2.14 -23.65
C THR D 175 30.94 0.78 -23.74
N ILE D 176 29.63 0.79 -23.94
CA ILE D 176 28.87 -0.47 -24.01
C ILE D 176 28.13 -0.55 -25.33
N PRO D 177 28.00 -1.77 -25.87
CA PRO D 177 28.56 -3.04 -25.38
C PRO D 177 30.06 -3.11 -25.60
N TRP D 178 30.80 -3.60 -24.60
CA TRP D 178 32.25 -3.68 -24.72
C TRP D 178 32.65 -4.82 -25.65
N ASP D 179 33.52 -4.53 -26.61
CA ASP D 179 33.95 -5.55 -27.58
C ASP D 179 35.24 -6.19 -27.05
N ARG D 180 35.12 -7.34 -26.38
CA ARG D 180 36.25 -7.93 -25.68
C ARG D 180 37.46 -8.17 -26.59
N ASP D 181 37.24 -8.82 -27.72
CA ASP D 181 38.35 -9.24 -28.57
C ASP D 181 38.95 -8.07 -29.35
N ARG D 182 38.11 -7.19 -29.85
CA ARG D 182 38.60 -6.02 -30.59
C ARG D 182 39.36 -5.08 -29.68
N PHE D 183 38.77 -4.78 -28.53
CA PHE D 183 39.36 -3.79 -27.63
C PHE D 183 40.57 -4.30 -26.88
N ALA D 184 40.71 -5.63 -26.76
CA ALA D 184 41.92 -6.20 -26.17
C ALA D 184 43.14 -5.84 -27.02
N GLU D 185 42.92 -5.66 -28.31
CA GLU D 185 44.00 -5.32 -29.25
C GLU D 185 44.30 -3.81 -29.28
N GLY D 186 43.24 -3.00 -29.31
CA GLY D 186 43.39 -1.55 -29.33
C GLY D 186 42.05 -0.85 -29.34
N LEU D 187 42.05 0.45 -29.06
CA LEU D 187 40.81 1.24 -29.03
C LEU D 187 40.65 2.07 -30.29
N GLU D 188 41.37 1.69 -31.35
CA GLU D 188 41.44 2.47 -32.58
C GLU D 188 40.13 2.47 -33.38
N THR D 189 39.46 1.32 -33.39
CA THR D 189 38.29 1.12 -34.24
C THR D 189 37.10 0.55 -33.47
N VAL D 190 35.91 0.69 -34.06
CA VAL D 190 34.70 0.09 -33.50
C VAL D 190 33.93 -0.60 -34.63
N GLY D 191 33.20 -1.61 -34.22
CA GLY D 191 32.29 -2.30 -35.11
C GLY D 191 31.01 -1.55 -35.25
N ASP D 192 29.96 -2.24 -35.65
CA ASP D 192 28.70 -1.61 -35.96
C ASP D 192 27.65 -1.74 -34.83
N ASN D 193 28.06 -1.90 -33.60
CA ASN D 193 27.14 -2.26 -32.53
C ASN D 193 26.83 -1.20 -31.47
N PHE D 194 27.29 -0.02 -31.72
CA PHE D 194 27.13 1.14 -30.82
C PHE D 194 25.95 2.06 -31.19
N LEU D 195 25.23 2.49 -30.16
CA LEU D 195 24.08 3.36 -30.32
C LEU D 195 24.24 4.56 -29.40
N ARG D 196 24.09 5.78 -29.96
CA ARG D 196 24.12 7.00 -29.16
C ARG D 196 22.68 7.40 -28.83
N HIS D 197 22.41 7.56 -27.54
CA HIS D 197 21.08 7.97 -27.10
C HIS D 197 20.86 9.47 -27.34
N LEU D 198 19.74 9.81 -27.96
CA LEU D 198 19.39 11.22 -28.18
C LEU D 198 18.62 11.80 -27.00
N GLY D 199 18.81 13.10 -26.74
CA GLY D 199 18.17 13.77 -25.61
C GLY D 199 16.71 14.14 -25.87
N ILE D 200 15.89 13.13 -26.08
CA ILE D 200 14.47 13.35 -26.33
C ILE D 200 13.69 12.21 -25.65
N TYR D 201 12.61 12.56 -24.95
CA TYR D 201 11.79 11.53 -24.31
C TYR D 201 10.32 11.75 -24.61
N GLY D 202 9.59 10.65 -24.82
CA GLY D 202 8.15 10.71 -24.95
C GLY D 202 7.56 10.04 -23.73
N TYR D 203 6.65 10.73 -23.06
CA TYR D 203 5.90 10.10 -21.97
C TYR D 203 4.60 10.83 -21.73
N ARG D 204 3.56 10.13 -21.31
CA ARG D 204 2.29 10.77 -20.98
CA ARG D 204 2.31 10.79 -20.99
C ARG D 204 2.47 11.50 -19.66
N ALA D 205 1.65 12.53 -19.44
CA ALA D 205 1.73 13.30 -18.20
C ALA D 205 1.58 12.40 -16.98
N GLY D 206 0.76 11.36 -17.12
CA GLY D 206 0.54 10.42 -16.02
C GLY D 206 1.83 9.71 -15.65
N PHE D 207 2.67 9.44 -16.65
CA PHE D 207 3.96 8.82 -16.37
C PHE D 207 4.93 9.79 -15.70
N ILE D 208 4.93 11.04 -16.15
CA ILE D 208 5.77 12.05 -15.52
C ILE D 208 5.39 12.17 -14.04
N ARG D 209 4.10 12.10 -13.74
CA ARG D 209 3.65 12.15 -12.36
C ARG D 209 4.17 10.94 -11.59
N ARG D 210 4.13 9.78 -12.24
CA ARG D 210 4.64 8.56 -11.61
C ARG D 210 6.14 8.68 -11.34
N TYR D 211 6.87 9.24 -12.29
CA TYR D 211 8.32 9.38 -12.16
C TYR D 211 8.73 10.15 -10.90
N VAL D 212 8.06 11.27 -10.63
CA VAL D 212 8.42 12.05 -9.45
C VAL D 212 7.80 11.54 -8.14
N ASN D 213 6.91 10.56 -8.23
CA ASN D 213 6.44 9.86 -7.03
C ASN D 213 7.45 8.83 -6.52
N TRP D 214 8.42 8.48 -7.35
CA TRP D 214 9.48 7.57 -6.92
C TRP D 214 10.56 8.36 -6.21
N GLN D 215 11.05 7.84 -5.09
CA GLN D 215 12.27 8.36 -4.49
C GLN D 215 13.41 8.23 -5.50
N PRO D 216 14.35 9.19 -5.49
CA PRO D 216 15.47 9.12 -6.42
C PRO D 216 16.28 7.83 -6.25
N SER D 217 16.72 7.26 -7.36
CA SER D 217 17.57 6.08 -7.31
C SER D 217 19.03 6.44 -7.11
N PRO D 218 19.80 5.55 -6.48
CA PRO D 218 21.23 5.78 -6.33
C PRO D 218 21.88 5.80 -7.72
N LEU D 219 21.38 4.92 -8.59
CA LEU D 219 21.96 4.71 -9.91
C LEU D 219 21.95 5.98 -10.76
N GLU D 220 20.84 6.71 -10.77
CA GLU D 220 20.74 7.91 -11.59
C GLU D 220 21.77 8.97 -11.20
N HIS D 221 22.15 9.00 -9.92
CA HIS D 221 23.08 10.00 -9.44
C HIS D 221 24.53 9.64 -9.80
N ILE D 222 24.82 8.35 -9.87
CA ILE D 222 26.19 7.93 -10.18
C ILE D 222 26.49 8.24 -11.64
N GLU D 223 25.62 7.80 -12.54
CA GLU D 223 25.81 8.03 -13.97
C GLU D 223 25.40 9.44 -14.39
N MET D 224 24.61 10.12 -13.57
CA MET D 224 23.99 11.38 -13.95
C MET D 224 23.15 11.20 -15.23
N LEU D 225 22.28 10.19 -15.19
CA LEU D 225 21.38 9.87 -16.30
C LEU D 225 19.99 9.68 -15.69
N GLU D 226 19.09 10.63 -15.94
CA GLU D 226 17.79 10.64 -15.24
C GLU D 226 16.91 9.45 -15.61
N GLN D 227 17.11 8.93 -16.82
CA GLN D 227 16.32 7.82 -17.32
C GLN D 227 16.56 6.53 -16.55
N LEU D 228 17.69 6.44 -15.86
CA LEU D 228 18.00 5.23 -15.09
C LEU D 228 17.06 5.03 -13.90
N ARG D 229 16.41 6.08 -13.43
CA ARG D 229 15.41 5.89 -12.37
C ARG D 229 14.34 4.89 -12.84
N VAL D 230 13.95 4.98 -14.10
CA VAL D 230 12.88 4.14 -14.64
C VAL D 230 13.29 2.66 -14.64
N LEU D 231 14.50 2.36 -15.13
CA LEU D 231 15.01 0.98 -15.14
C LEU D 231 15.25 0.47 -13.73
N TRP D 232 15.72 1.34 -12.84
CA TRP D 232 15.96 0.96 -11.45
C TRP D 232 14.67 0.43 -10.82
N TYR D 233 13.55 1.08 -11.11
CA TYR D 233 12.26 0.67 -10.54
C TYR D 233 11.52 -0.36 -11.39
N GLY D 234 12.23 -0.94 -12.36
CA GLY D 234 11.76 -2.12 -13.05
C GLY D 234 10.78 -1.88 -14.17
N GLU D 235 10.73 -0.65 -14.66
CA GLU D 235 9.83 -0.34 -15.77
C GLU D 235 10.57 -0.15 -17.08
N LYS D 236 9.87 -0.33 -18.19
CA LYS D 236 10.52 -0.41 -19.49
C LYS D 236 10.63 0.93 -20.21
N ILE D 237 11.70 1.09 -20.98
CA ILE D 237 11.81 2.19 -21.92
C ILE D 237 12.04 1.63 -23.32
N HIS D 238 11.16 1.97 -24.26
CA HIS D 238 11.40 1.52 -25.62
C HIS D 238 12.28 2.51 -26.39
N VAL D 239 13.22 1.98 -27.16
CA VAL D 239 14.18 2.77 -27.92
C VAL D 239 14.11 2.46 -29.41
N ALA D 240 13.58 3.40 -30.18
CA ALA D 240 13.58 3.27 -31.62
C ALA D 240 14.96 3.65 -32.13
N VAL D 241 15.40 3.03 -33.21
CA VAL D 241 16.69 3.40 -33.78
C VAL D 241 16.49 4.14 -35.10
N ALA D 242 17.02 5.35 -35.20
CA ALA D 242 17.01 6.07 -36.47
C ALA D 242 18.37 5.96 -37.10
N GLN D 243 18.44 5.57 -38.36
CA GLN D 243 19.72 5.29 -39.02
C GLN D 243 20.57 6.54 -39.25
N GLU D 244 19.93 7.68 -39.52
CA GLU D 244 20.64 8.92 -39.83
C GLU D 244 20.08 10.11 -39.06
N VAL D 245 20.90 10.73 -38.21
CA VAL D 245 20.48 11.91 -37.44
C VAL D 245 21.65 12.93 -37.39
N PRO D 246 21.41 14.17 -37.86
CA PRO D 246 22.54 15.12 -37.95
C PRO D 246 22.87 15.76 -36.60
N GLY D 247 24.07 16.31 -36.49
CA GLY D 247 24.42 17.10 -35.33
C GLY D 247 24.80 16.28 -34.11
N THR D 248 24.79 16.93 -32.96
CA THR D 248 25.13 16.27 -31.71
C THR D 248 24.50 17.05 -30.55
N GLY D 249 24.47 16.46 -29.37
CA GLY D 249 23.99 17.17 -28.18
C GLY D 249 25.06 18.17 -27.76
N VAL D 250 24.64 19.31 -27.22
CA VAL D 250 25.62 20.32 -26.82
C VAL D 250 25.83 20.30 -25.30
N ASP D 251 26.88 19.61 -24.87
CA ASP D 251 27.18 19.45 -23.44
C ASP D 251 28.53 20.02 -23.04
N THR D 252 29.44 20.15 -24.01
CA THR D 252 30.79 20.62 -23.74
C THR D 252 31.17 21.76 -24.67
N PRO D 253 32.26 22.48 -24.35
CA PRO D 253 32.75 23.51 -25.27
C PRO D 253 33.09 22.94 -26.65
N GLU D 254 33.60 21.71 -26.70
CA GLU D 254 33.92 21.05 -27.96
C GLU D 254 32.65 20.80 -28.80
N ASP D 255 31.58 20.34 -28.16
CA ASP D 255 30.29 20.21 -28.83
C ASP D 255 29.85 21.56 -29.38
N LEU D 256 30.05 22.60 -28.60
CA LEU D 256 29.57 23.93 -29.00
C LEU D 256 30.29 24.40 -30.26
N GLU D 257 31.60 24.19 -30.32
CA GLU D 257 32.36 24.53 -31.52
C GLU D 257 31.86 23.75 -32.74
N ARG D 258 31.54 22.49 -32.52
CA ARG D 258 31.10 21.63 -33.62
C ARG D 258 29.76 22.07 -34.17
N VAL D 259 28.79 22.30 -33.28
CA VAL D 259 27.49 22.77 -33.73
C VAL D 259 27.55 24.17 -34.37
N ARG D 260 28.41 25.04 -33.85
CA ARG D 260 28.60 26.34 -34.49
C ARG D 260 29.11 26.18 -35.91
N ALA D 261 30.03 25.23 -36.10
CA ALA D 261 30.57 24.98 -37.43
C ALA D 261 29.55 24.37 -38.39
N GLU D 262 28.62 23.58 -37.85
CA GLU D 262 27.73 22.75 -38.66
C GLU D 262 26.33 23.30 -38.87
N MET D 263 25.82 24.10 -37.94
CA MET D 263 24.43 24.52 -38.01
C MET D 263 24.20 25.44 -39.20
MG MG E . 35.37 -17.52 -22.43
C1 KDO F . 34.49 -15.20 -18.25
O1A KDO F . 34.68 -14.69 -19.53
O1B KDO F . 34.81 -14.50 -17.33
C2 KDO F . 33.38 -16.31 -18.02
C3 KDO F . 32.53 -16.61 -19.28
C4 KDO F . 31.37 -15.60 -19.51
O4 KDO F . 30.50 -16.05 -20.53
C5 KDO F . 30.62 -15.26 -18.18
O5 KDO F . 29.99 -16.41 -17.69
C6 KDO F . 31.68 -14.85 -17.14
O6 KDO F . 32.60 -15.92 -16.87
C7 KDO F . 31.02 -14.40 -15.80
O7 KDO F . 30.46 -13.12 -16.03
C8 KDO F . 32.11 -14.34 -14.69
O8 KDO F . 33.22 -13.55 -15.10
N1 CTP G . 33.65 -22.98 -21.44
C2 CTP G . 33.13 -24.03 -22.18
N3 CTP G . 33.09 -23.94 -23.54
C4 CTP G . 33.48 -22.78 -24.18
C5 CTP G . 33.99 -21.73 -23.43
C6 CTP G . 33.93 -21.79 -22.05
O2 CTP G . 32.71 -25.04 -21.61
N4 CTP G . 33.37 -22.70 -25.49
C1' CTP G . 33.84 -23.11 -19.99
C2' CTP G . 35.32 -22.92 -19.66
O2' CTP G . 36.01 -24.15 -19.69
C3' CTP G . 35.32 -22.26 -18.30
C4' CTP G . 33.93 -21.63 -18.19
O4' CTP G . 33.16 -22.08 -19.30
O3' CTP G . 35.45 -23.22 -17.27
C5' CTP G . 34.03 -20.11 -18.17
O5' CTP G . 34.54 -19.61 -19.39
PA CTP G . 35.99 -18.88 -19.48
O1A CTP G . 35.88 -17.61 -20.26
O2A CTP G . 36.54 -18.73 -18.08
O3A CTP G . 36.83 -20.02 -20.24
PB CTP G . 37.37 -19.96 -21.75
O1B CTP G . 36.28 -19.57 -22.70
O2B CTP G . 37.82 -21.37 -22.07
O3B CTP G . 38.61 -18.93 -21.73
PG CTP G . 38.78 -17.69 -22.76
O1G CTP G . 38.98 -18.19 -24.18
O2G CTP G . 40.01 -16.99 -22.24
O3G CTP G . 37.58 -16.78 -22.71
MG MG H . -5.82 -4.79 14.40
C1 KDO I . -9.58 -3.64 11.45
O1A KDO I . -9.55 -4.31 12.69
O1B KDO I . -10.43 -3.94 10.67
C2 KDO I . -8.86 -2.26 11.33
C3 KDO I . -8.31 -1.70 12.68
C4 KDO I . -9.41 -0.99 13.52
O4 KDO I . -8.85 -0.31 14.62
C5 KDO I . -10.31 -0.06 12.65
O5 KDO I . -9.54 0.98 12.10
C6 KDO I . -10.83 -0.91 11.47
O6 KDO I . -9.74 -1.36 10.65
C7 KDO I . -11.81 -0.10 10.58
O7 KDO I . -13.04 -0.05 11.27
C8 KDO I . -11.95 -0.84 9.21
O8 KDO I . -12.35 -2.18 9.43
N1 CTP J . -1.56 -1.34 12.72
C2 CTP J . -0.45 -0.74 13.28
N3 CTP J . -0.08 -1.05 14.57
C4 CTP J . -0.84 -1.92 15.31
C5 CTP J . -1.95 -2.54 14.75
C6 CTP J . -2.37 -2.15 13.48
O2 CTP J . 0.23 0.07 12.64
N4 CTP J . -0.49 -2.16 16.58
C1' CTP J . -1.86 -1.12 11.30
C2' CTP J . -1.81 -2.45 10.56
O2' CTP J . -0.51 -2.66 10.05
C3' CTP J . -2.86 -2.30 9.47
C4' CTP J . -3.77 -1.19 9.99
O4' CTP J . -3.18 -0.63 11.14
O3' CTP J . -2.25 -1.86 8.27
C5' CTP J . -5.16 -1.74 10.30
O5' CTP J . -5.10 -2.66 11.38
PA CTP J . -5.43 -4.23 11.16
O1A CTP J . -6.35 -4.71 12.23
O2A CTP J . -5.93 -4.42 9.75
O3A CTP J . -3.95 -4.86 11.28
PB CTP J . -3.39 -5.76 12.50
O1B CTP J . -3.68 -5.10 13.81
O2B CTP J . -1.89 -5.81 12.31
O3B CTP J . -4.07 -7.19 12.33
PG CTP J . -4.83 -7.95 13.53
O1G CTP J . -3.87 -8.34 14.62
O2G CTP J . -5.41 -9.18 12.87
O3G CTP J . -5.94 -7.10 14.10
MG MG K . -42.37 -2.58 21.84
C1 KDO L . -38.51 -2.81 24.84
O1A KDO L . -38.63 -3.13 23.49
O1B KDO L . -37.83 -3.50 25.53
C2 KDO L . -39.08 -1.44 25.36
C3 KDO L . -39.52 -0.51 24.19
C4 KDO L . -38.32 0.25 23.52
O4 KDO L . -38.74 1.26 22.63
C5 KDO L . -37.25 0.74 24.53
O5 KDO L . -37.77 1.79 25.29
C6 KDO L . -36.90 -0.45 25.48
O6 KDO L . -38.06 -0.90 26.21
C7 KDO L . -35.79 -0.06 26.49
O7 KDO L . -34.58 -0.03 25.77
C8 KDO L . -35.72 -1.12 27.65
O8 KDO L . -35.64 -2.44 27.13
N1 CTP M . -46.11 0.98 24.37
C2 CTP M . -47.08 1.89 24.03
N3 CTP M . -47.48 2.00 22.71
C4 CTP M . -46.89 1.24 21.75
C5 CTP M . -45.93 0.29 22.10
C6 CTP M . -45.44 0.29 23.40
O2 CTP M . -47.57 2.62 24.89
N4 CTP M . -47.24 1.38 20.46
C1' CTP M . -45.80 0.76 25.79
C2' CTP M . -46.05 -0.70 26.16
O2' CTP M . -47.37 -0.88 26.64
C3' CTP M . -45.02 -0.98 27.22
C4' CTP M . -43.94 0.08 27.00
O4' CTP M . -44.40 0.98 26.00
O3' CTP M . -45.59 -0.82 28.50
C5' CTP M . -42.65 -0.57 26.54
O5' CTP M . -42.82 -1.17 25.27
PA CTP M . -42.78 -2.77 25.08
O1A CTP M . -41.90 -3.16 23.93
O2A CTP M . -42.34 -3.40 26.39
O3A CTP M . -44.32 -3.15 24.82
PB CTP M . -44.99 -3.56 23.42
O1B CTP M . -44.54 -2.63 22.34
O2B CTP M . -46.49 -3.45 23.60
O3B CTP M . -44.57 -5.07 23.16
PG CTP M . -43.87 -5.66 21.83
O1G CTP M . -44.84 -5.62 20.67
O2G CTP M . -43.54 -7.07 22.17
O3G CTP M . -42.60 -4.88 21.48
MG MG N . 22.99 17.25 -16.65
C1 KDO O . 23.06 14.57 -20.73
O1A KDO O . 23.76 14.38 -19.54
O1B KDO O . 23.57 14.17 -21.74
C2 KDO O . 21.51 14.71 -20.64
C3 KDO O . 20.95 14.51 -19.19
C4 KDO O . 20.69 13.03 -18.79
O4 KDO O . 19.94 12.90 -17.58
C5 KDO O . 20.12 12.18 -19.96
O5 KDO O . 18.80 12.58 -20.21
C6 KDO O . 20.98 12.44 -21.23
O6 KDO O . 20.94 13.83 -21.63
C7 KDO O . 20.54 11.56 -22.43
O7 KDO O . 21.07 10.27 -22.18
C8 KDO O . 21.15 12.15 -23.75
O8 KDO O . 22.55 12.30 -23.64
N1 CTP P . 18.07 20.21 -16.82
C2 CTP P . 17.13 20.74 -15.96
N3 CTP P . 17.37 20.73 -14.60
C4 CTP P . 18.53 20.18 -14.11
C5 CTP P . 19.48 19.66 -15.00
C6 CTP P . 19.16 19.55 -16.35
O2 CTP P . 16.08 21.21 -16.40
N4 CTP P . 18.75 20.13 -12.80
C1' CTP P . 17.87 20.33 -18.28
C2' CTP P . 19.03 21.11 -18.89
O2' CTP P . 18.76 22.48 -18.98
C3' CTP P . 19.16 20.48 -20.27
C4' CTP P . 18.49 19.12 -20.15
O4' CTP P . 17.90 19.04 -18.87
O3' CTP P . 18.47 21.26 -21.23
C5' CTP P . 19.53 18.03 -20.33
O5' CTP P . 20.46 18.07 -19.26
PA CTP P . 21.98 18.49 -19.52
O1A CTP P . 22.89 17.50 -18.85
O2A CTP P . 22.24 18.61 -21.01
O3A CTP P . 22.10 19.97 -18.87
PB CTP P . 22.81 20.34 -17.46
O1B CTP P . 22.37 19.39 -16.39
O2B CTP P . 22.35 21.72 -17.11
O3B CTP P . 24.38 20.31 -17.75
PG CTP P . 25.51 19.55 -16.89
O1G CTP P . 25.63 20.14 -15.50
O2G CTP P . 26.78 19.80 -17.66
O3G CTP P . 25.22 18.06 -16.83
#